data_1EFE
#
_entry.id   1EFE
#
_cell.length_a   1.000
_cell.length_b   1.000
_cell.length_c   1.000
_cell.angle_alpha   90.00
_cell.angle_beta   90.00
_cell.angle_gamma   90.00
#
_symmetry.space_group_name_H-M   'P 1'
#
_entity_poly.entity_id   1
_entity_poly.type   'polypeptide(L)'
_entity_poly.pdbx_seq_one_letter_code
;FVNQHLCGSHLVEALYLVCGERGFFYTPKTRRYPGDVKRGIVEQCCTSICSLYQLENYCN
;
_entity_poly.pdbx_strand_id   A
#
# COMPACT_ATOMS: atom_id res chain seq x y z
N PHE A 1 6.90 13.62 16.28
CA PHE A 1 7.26 12.39 15.51
C PHE A 1 6.23 11.29 15.77
N VAL A 2 5.50 10.89 14.76
CA VAL A 2 4.47 9.84 14.92
C VAL A 2 4.62 8.75 13.85
N ASN A 3 4.06 7.60 14.07
CA ASN A 3 4.17 6.50 13.08
C ASN A 3 2.94 5.58 13.17
N GLN A 4 1.88 5.96 12.50
CA GLN A 4 0.63 5.14 12.52
C GLN A 4 0.73 4.01 11.49
N HIS A 5 -0.19 3.08 11.54
CA HIS A 5 -0.17 1.97 10.55
C HIS A 5 -0.61 2.49 9.18
N LEU A 6 0.07 2.09 8.14
CA LEU A 6 -0.31 2.57 6.78
C LEU A 6 -1.60 1.90 6.32
N CYS A 7 -2.72 2.49 6.65
CA CYS A 7 -4.03 1.90 6.26
C CYS A 7 -5.07 2.99 6.05
N GLY A 8 -6.27 2.61 5.69
CA GLY A 8 -7.38 3.60 5.53
C GLY A 8 -6.97 4.71 4.55
N SER A 9 -7.32 5.94 4.84
CA SER A 9 -6.97 7.07 3.92
C SER A 9 -5.47 7.39 3.97
N HIS A 10 -4.85 7.18 5.10
CA HIS A 10 -3.39 7.49 5.22
C HIS A 10 -2.55 6.60 4.28
N LEU A 11 -2.94 5.37 4.09
CA LEU A 11 -2.16 4.45 3.20
C LEU A 11 -2.09 5.01 1.78
N VAL A 12 -3.21 5.39 1.21
CA VAL A 12 -3.19 5.95 -0.19
C VAL A 12 -2.32 7.20 -0.20
N GLU A 13 -2.49 8.06 0.77
CA GLU A 13 -1.67 9.29 0.84
C GLU A 13 -0.19 8.90 0.94
N ALA A 14 0.09 7.89 1.72
CA ALA A 14 1.50 7.43 1.88
C ALA A 14 2.05 6.88 0.55
N LEU A 15 1.26 6.14 -0.19
CA LEU A 15 1.75 5.56 -1.48
C LEU A 15 2.19 6.67 -2.45
N TYR A 16 1.36 7.67 -2.67
CA TYR A 16 1.75 8.77 -3.60
C TYR A 16 2.99 9.50 -3.08
N LEU A 17 3.04 9.72 -1.79
CA LEU A 17 4.22 10.44 -1.19
C LEU A 17 5.49 9.57 -1.25
N VAL A 18 5.35 8.30 -0.98
CA VAL A 18 6.55 7.39 -0.98
C VAL A 18 7.02 7.09 -2.41
N CYS A 19 6.11 6.89 -3.34
CA CYS A 19 6.52 6.56 -4.74
C CYS A 19 7.15 7.78 -5.42
N GLY A 20 6.69 8.98 -5.11
CA GLY A 20 7.28 10.19 -5.73
C GLY A 20 6.90 10.27 -7.21
N GLU A 21 7.58 9.53 -8.05
CA GLU A 21 7.27 9.57 -9.52
C GLU A 21 5.80 9.20 -9.76
N ARG A 22 5.22 9.73 -10.80
CA ARG A 22 3.79 9.44 -11.11
C ARG A 22 3.67 8.49 -12.30
N GLY A 23 4.72 7.76 -12.61
CA GLY A 23 4.67 6.83 -13.78
C GLY A 23 4.60 5.37 -13.31
N PHE A 24 4.52 5.11 -12.02
CA PHE A 24 4.45 3.68 -11.56
C PHE A 24 3.05 3.12 -11.78
N PHE A 25 2.97 1.94 -12.33
CA PHE A 25 1.64 1.31 -12.61
C PHE A 25 0.98 0.76 -11.34
N TYR A 26 1.76 0.34 -10.36
CA TYR A 26 1.17 -0.22 -9.09
C TYR A 26 0.24 -1.41 -9.40
N THR A 27 0.64 -2.26 -10.32
CA THR A 27 -0.22 -3.44 -10.67
C THR A 27 0.09 -4.62 -9.71
N PRO A 28 -0.89 -4.99 -8.90
CA PRO A 28 -0.69 -6.10 -7.94
C PRO A 28 -1.04 -7.47 -8.56
N LYS A 29 -1.24 -8.46 -7.73
CA LYS A 29 -1.58 -9.82 -8.23
C LYS A 29 -2.99 -9.84 -8.85
N THR A 30 -3.85 -8.94 -8.43
CA THR A 30 -5.26 -8.86 -8.95
C THR A 30 -6.11 -10.06 -8.48
N ARG A 31 -5.65 -11.27 -8.69
CA ARG A 31 -6.45 -12.47 -8.25
C ARG A 31 -7.87 -12.43 -8.82
N ARG A 32 -7.99 -12.51 -10.12
CA ARG A 32 -9.34 -12.47 -10.78
C ARG A 32 -10.08 -11.18 -10.39
N TYR A 33 -10.98 -11.22 -9.42
CA TYR A 33 -11.69 -9.96 -9.02
C TYR A 33 -10.90 -9.25 -7.91
N PRO A 34 -10.36 -8.08 -8.21
CA PRO A 34 -9.59 -7.34 -7.20
C PRO A 34 -10.52 -6.48 -6.32
N GLY A 35 -11.54 -7.08 -5.75
CA GLY A 35 -12.47 -6.31 -4.88
C GLY A 35 -12.95 -7.21 -3.75
N ASP A 36 -14.22 -7.54 -3.73
CA ASP A 36 -14.77 -8.43 -2.66
C ASP A 36 -14.38 -7.95 -1.26
N VAL A 37 -14.42 -6.66 -1.03
CA VAL A 37 -14.06 -6.07 0.31
C VAL A 37 -12.82 -6.74 0.94
N LYS A 38 -11.73 -6.76 0.21
CA LYS A 38 -10.48 -7.37 0.75
C LYS A 38 -9.27 -6.86 -0.03
N ARG A 39 -8.08 -6.99 0.52
CA ARG A 39 -6.86 -6.50 -0.19
C ARG A 39 -5.64 -7.33 0.23
N GLY A 40 -5.44 -7.51 1.51
CA GLY A 40 -4.27 -8.29 1.99
C GLY A 40 -3.10 -7.35 2.28
N ILE A 41 -2.75 -6.51 1.31
CA ILE A 41 -1.63 -5.54 1.52
C ILE A 41 -1.97 -4.62 2.70
N VAL A 42 -3.17 -4.11 2.72
CA VAL A 42 -3.60 -3.20 3.82
C VAL A 42 -3.57 -3.95 5.17
N GLU A 43 -4.04 -5.17 5.18
CA GLU A 43 -4.05 -5.97 6.44
C GLU A 43 -2.64 -6.14 6.97
N GLN A 44 -1.68 -6.35 6.09
CA GLN A 44 -0.27 -6.54 6.55
C GLN A 44 0.22 -5.31 7.32
N CYS A 45 -0.08 -4.13 6.83
CA CYS A 45 0.37 -2.89 7.55
C CYS A 45 -0.62 -2.53 8.66
N CYS A 46 -1.88 -2.87 8.47
CA CYS A 46 -2.90 -2.56 9.52
C CYS A 46 -2.55 -3.25 10.84
N THR A 47 -2.17 -4.51 10.78
CA THR A 47 -1.83 -5.26 12.02
C THR A 47 -0.44 -4.86 12.53
N SER A 48 0.50 -4.64 11.64
CA SER A 48 1.88 -4.26 12.08
C SER A 48 2.42 -3.11 11.21
N ILE A 49 3.39 -2.38 11.71
CA ILE A 49 3.96 -1.26 10.91
C ILE A 49 4.82 -1.82 9.77
N CYS A 50 4.52 -1.45 8.55
CA CYS A 50 5.31 -1.97 7.39
C CYS A 50 6.62 -1.20 7.25
N SER A 51 7.65 -1.85 6.79
CA SER A 51 8.96 -1.17 6.62
C SER A 51 8.99 -0.40 5.29
N LEU A 52 9.79 0.62 5.22
CA LEU A 52 9.89 1.43 3.96
C LEU A 52 10.35 0.56 2.80
N TYR A 53 11.25 -0.37 3.05
CA TYR A 53 11.79 -1.23 1.96
C TYR A 53 10.66 -2.04 1.28
N GLN A 54 9.73 -2.55 2.06
CA GLN A 54 8.62 -3.33 1.44
C GLN A 54 7.74 -2.43 0.58
N LEU A 55 7.46 -1.23 1.04
CA LEU A 55 6.61 -0.30 0.23
C LEU A 55 7.28 -0.03 -1.12
N GLU A 56 8.58 0.15 -1.11
CA GLU A 56 9.31 0.40 -2.39
C GLU A 56 9.14 -0.77 -3.34
N ASN A 57 9.18 -1.97 -2.84
CA ASN A 57 9.01 -3.17 -3.72
C ASN A 57 7.65 -3.11 -4.41
N TYR A 58 6.61 -2.82 -3.67
CA TYR A 58 5.25 -2.73 -4.28
C TYR A 58 5.20 -1.60 -5.32
N CYS A 59 5.96 -0.56 -5.12
CA CYS A 59 5.97 0.57 -6.09
C CYS A 59 7.03 0.31 -7.16
N ASN A 60 6.85 -0.74 -7.93
CA ASN A 60 7.85 -1.07 -9.00
C ASN A 60 7.83 0.00 -10.09
N PHE A 1 6.07 14.15 17.21
CA PHE A 1 6.64 12.97 16.51
C PHE A 1 5.77 11.74 16.78
N VAL A 2 4.96 11.35 15.83
CA VAL A 2 4.09 10.16 16.02
C VAL A 2 4.21 9.22 14.81
N ASN A 3 3.84 7.99 14.98
CA ASN A 3 3.93 7.00 13.86
C ASN A 3 2.89 5.91 14.04
N GLN A 4 1.67 6.18 13.65
CA GLN A 4 0.59 5.18 13.79
C GLN A 4 0.61 4.21 12.59
N HIS A 5 -0.35 3.34 12.50
CA HIS A 5 -0.38 2.36 11.36
C HIS A 5 -0.79 3.07 10.07
N LEU A 6 -0.20 2.70 8.97
CA LEU A 6 -0.55 3.34 7.67
C LEU A 6 -1.74 2.62 7.03
N CYS A 7 -2.91 3.20 7.15
CA CYS A 7 -4.14 2.58 6.57
C CYS A 7 -5.14 3.67 6.20
N GLY A 8 -6.27 3.30 5.64
CA GLY A 8 -7.31 4.31 5.29
C GLY A 8 -6.73 5.38 4.37
N SER A 9 -7.11 6.62 4.56
CA SER A 9 -6.58 7.72 3.68
C SER A 9 -5.12 8.04 4.03
N HIS A 10 -4.71 7.79 5.24
CA HIS A 10 -3.30 8.09 5.64
C HIS A 10 -2.33 7.26 4.79
N LEU A 11 -2.67 6.02 4.56
CA LEU A 11 -1.78 5.13 3.73
C LEU A 11 -1.61 5.73 2.32
N VAL A 12 -2.67 6.26 1.76
CA VAL A 12 -2.58 6.84 0.38
C VAL A 12 -1.58 8.00 0.37
N GLU A 13 -1.70 8.91 1.29
CA GLU A 13 -0.77 10.08 1.33
C GLU A 13 0.68 9.60 1.51
N ALA A 14 0.88 8.63 2.35
CA ALA A 14 2.26 8.12 2.60
C ALA A 14 2.89 7.56 1.32
N LEU A 15 2.18 6.71 0.62
CA LEU A 15 2.75 6.11 -0.65
C LEU A 15 3.08 7.21 -1.67
N TYR A 16 2.15 8.09 -1.93
CA TYR A 16 2.41 9.17 -2.94
C TYR A 16 3.60 10.05 -2.51
N LEU A 17 3.61 10.51 -1.29
CA LEU A 17 4.74 11.36 -0.82
C LEU A 17 6.05 10.56 -0.71
N VAL A 18 5.97 9.35 -0.18
CA VAL A 18 7.22 8.53 -0.04
C VAL A 18 7.72 8.06 -1.41
N CYS A 19 6.85 7.49 -2.21
CA CYS A 19 7.28 7.03 -3.57
C CYS A 19 7.45 8.21 -4.52
N GLY A 20 6.41 9.00 -4.70
CA GLY A 20 6.50 10.18 -5.59
C GLY A 20 6.79 9.72 -7.03
N GLU A 21 6.45 8.49 -7.35
CA GLU A 21 6.71 7.98 -8.73
C GLU A 21 5.53 7.13 -9.22
N ARG A 22 5.30 7.11 -10.50
CA ARG A 22 4.18 6.31 -11.07
C ARG A 22 4.69 4.95 -11.57
N GLY A 23 5.88 4.55 -11.14
CA GLY A 23 6.46 3.24 -11.60
C GLY A 23 5.55 2.07 -11.22
N PHE A 24 4.97 2.08 -10.04
CA PHE A 24 4.10 0.94 -9.63
C PHE A 24 2.73 1.02 -10.31
N PHE A 25 2.32 -0.07 -10.91
CA PHE A 25 1.00 -0.10 -11.61
C PHE A 25 -0.13 -0.26 -10.60
N TYR A 26 0.09 -1.07 -9.58
CA TYR A 26 -0.96 -1.31 -8.54
C TYR A 26 -2.25 -1.83 -9.19
N THR A 27 -2.14 -2.75 -10.11
CA THR A 27 -3.35 -3.28 -10.80
C THR A 27 -4.05 -4.32 -9.90
N PRO A 28 -5.37 -4.34 -9.95
CA PRO A 28 -6.14 -5.29 -9.09
C PRO A 28 -5.95 -6.73 -9.58
N LYS A 29 -5.97 -7.68 -8.67
CA LYS A 29 -5.78 -9.11 -9.07
C LYS A 29 -6.99 -9.64 -9.85
N THR A 30 -8.18 -9.26 -9.44
CA THR A 30 -9.44 -9.73 -10.11
C THR A 30 -9.64 -11.24 -9.93
N ARG A 31 -8.75 -12.04 -10.44
CA ARG A 31 -8.85 -13.53 -10.30
C ARG A 31 -10.27 -14.01 -10.70
N ARG A 32 -10.81 -15.02 -10.04
CA ARG A 32 -12.17 -15.52 -10.40
C ARG A 32 -13.21 -14.41 -10.23
N TYR A 33 -12.99 -13.51 -9.31
CA TYR A 33 -13.97 -12.40 -9.10
C TYR A 33 -13.79 -11.35 -10.21
N PRO A 34 -14.89 -10.73 -10.61
CA PRO A 34 -14.83 -9.71 -11.69
C PRO A 34 -14.15 -8.44 -11.19
N GLY A 35 -14.53 -7.96 -10.04
CA GLY A 35 -13.90 -6.71 -9.50
C GLY A 35 -12.66 -7.06 -8.68
N ASP A 36 -12.73 -6.87 -7.39
CA ASP A 36 -11.55 -7.18 -6.52
C ASP A 36 -12.00 -7.30 -5.06
N VAL A 37 -11.68 -8.39 -4.41
CA VAL A 37 -12.08 -8.55 -2.98
C VAL A 37 -11.24 -7.61 -2.11
N LYS A 38 -9.95 -7.64 -2.29
CA LYS A 38 -9.03 -6.77 -1.50
C LYS A 38 -7.76 -6.49 -2.31
N ARG A 39 -7.09 -5.39 -2.05
CA ARG A 39 -5.83 -5.09 -2.81
C ARG A 39 -4.73 -6.07 -2.37
N GLY A 40 -4.68 -6.36 -1.10
CA GLY A 40 -3.65 -7.31 -0.58
C GLY A 40 -2.46 -6.52 -0.04
N ILE A 41 -1.98 -5.57 -0.80
CA ILE A 41 -0.81 -4.76 -0.34
C ILE A 41 -1.21 -3.83 0.80
N VAL A 42 -2.37 -3.23 0.70
CA VAL A 42 -2.83 -2.27 1.76
C VAL A 42 -3.12 -2.99 3.08
N GLU A 43 -3.71 -4.15 3.02
CA GLU A 43 -4.07 -4.89 4.27
C GLU A 43 -2.81 -5.37 5.02
N GLN A 44 -1.73 -5.65 4.32
CA GLN A 44 -0.49 -6.12 5.01
C GLN A 44 0.07 -5.03 5.93
N CYS A 45 0.04 -3.79 5.50
CA CYS A 45 0.59 -2.69 6.37
C CYS A 45 -0.46 -2.26 7.41
N CYS A 46 -1.72 -2.44 7.11
CA CYS A 46 -2.77 -2.05 8.09
C CYS A 46 -2.70 -2.98 9.31
N THR A 47 -2.42 -4.23 9.07
CA THR A 47 -2.34 -5.21 10.21
C THR A 47 -1.10 -4.94 11.07
N SER A 48 0.01 -4.61 10.45
CA SER A 48 1.26 -4.34 11.23
C SER A 48 2.02 -3.15 10.62
N ILE A 49 2.83 -2.49 11.42
CA ILE A 49 3.60 -1.32 10.89
C ILE A 49 4.53 -1.76 9.77
N CYS A 50 4.41 -1.16 8.60
CA CYS A 50 5.29 -1.53 7.46
C CYS A 50 6.58 -0.70 7.51
N SER A 51 7.70 -1.33 7.25
CA SER A 51 8.99 -0.58 7.30
C SER A 51 9.21 0.21 6.01
N LEU A 52 10.05 1.20 6.05
CA LEU A 52 10.33 2.03 4.84
C LEU A 52 10.88 1.17 3.70
N TYR A 53 11.74 0.24 4.04
CA TYR A 53 12.36 -0.63 2.98
C TYR A 53 11.26 -1.39 2.21
N GLN A 54 10.26 -1.87 2.91
CA GLN A 54 9.17 -2.62 2.22
C GLN A 54 8.32 -1.68 1.36
N LEU A 55 8.05 -0.49 1.85
CA LEU A 55 7.23 0.47 1.05
C LEU A 55 7.94 0.78 -0.27
N GLU A 56 9.22 1.05 -0.22
CA GLU A 56 9.99 1.35 -1.47
C GLU A 56 9.91 0.13 -2.40
N ASN A 57 10.01 -1.06 -1.85
CA ASN A 57 9.93 -2.29 -2.69
C ASN A 57 8.57 -2.34 -3.42
N TYR A 58 7.52 -2.05 -2.72
CA TYR A 58 6.17 -2.05 -3.36
C TYR A 58 6.13 -1.03 -4.50
N CYS A 59 6.81 0.07 -4.34
CA CYS A 59 6.83 1.11 -5.41
C CYS A 59 7.96 0.84 -6.41
N ASN A 60 8.83 -0.12 -6.13
CA ASN A 60 9.94 -0.42 -7.08
C ASN A 60 9.38 -1.08 -8.34
N PHE A 1 8.02 7.91 20.84
CA PHE A 1 8.49 7.57 19.46
C PHE A 1 7.30 7.14 18.59
N VAL A 2 7.15 7.74 17.44
CA VAL A 2 6.00 7.39 16.55
C VAL A 2 6.19 6.01 15.91
N ASN A 3 5.12 5.25 15.82
CA ASN A 3 5.19 3.89 15.21
C ASN A 3 3.76 3.44 14.88
N GLN A 4 3.05 4.26 14.14
CA GLN A 4 1.62 3.94 13.80
C GLN A 4 1.53 3.01 12.58
N HIS A 5 0.34 2.53 12.30
CA HIS A 5 0.12 1.62 11.13
C HIS A 5 0.15 2.41 9.82
N LEU A 6 0.32 1.73 8.72
CA LEU A 6 0.35 2.41 7.39
C LEU A 6 -1.05 2.51 6.78
N CYS A 7 -2.05 2.03 7.46
CA CYS A 7 -3.43 2.10 6.89
C CYS A 7 -4.07 3.44 7.31
N GLY A 8 -5.37 3.55 7.19
CA GLY A 8 -6.06 4.80 7.62
C GLY A 8 -5.48 6.01 6.87
N SER A 9 -5.15 7.06 7.57
CA SER A 9 -4.60 8.29 6.90
C SER A 9 -3.16 8.07 6.42
N HIS A 10 -2.37 7.34 7.15
CA HIS A 10 -0.95 7.10 6.76
C HIS A 10 -0.86 6.39 5.40
N LEU A 11 -1.83 5.58 5.08
CA LEU A 11 -1.80 4.85 3.77
C LEU A 11 -1.77 5.84 2.61
N VAL A 12 -2.65 6.79 2.61
CA VAL A 12 -2.69 7.80 1.50
C VAL A 12 -1.37 8.59 1.49
N GLU A 13 -0.98 9.08 2.62
CA GLU A 13 0.29 9.88 2.70
C GLU A 13 1.49 9.04 2.25
N ALA A 14 1.61 7.85 2.76
CA ALA A 14 2.77 6.99 2.38
C ALA A 14 2.82 6.70 0.88
N LEU A 15 1.71 6.35 0.28
CA LEU A 15 1.71 6.02 -1.18
C LEU A 15 2.20 7.19 -2.04
N TYR A 16 1.64 8.37 -1.84
CA TYR A 16 2.06 9.55 -2.67
C TYR A 16 3.47 10.03 -2.33
N LEU A 17 3.81 10.13 -1.07
CA LEU A 17 5.17 10.62 -0.69
C LEU A 17 6.28 9.61 -1.04
N VAL A 18 6.04 8.33 -0.84
CA VAL A 18 7.09 7.32 -1.15
C VAL A 18 7.35 7.24 -2.67
N CYS A 19 6.30 7.17 -3.45
CA CYS A 19 6.49 7.08 -4.93
C CYS A 19 7.02 8.43 -5.48
N GLY A 20 6.52 9.52 -4.97
CA GLY A 20 6.97 10.85 -5.43
C GLY A 20 6.48 11.12 -6.86
N GLU A 21 5.47 10.42 -7.30
CA GLU A 21 4.95 10.64 -8.67
C GLU A 21 3.42 10.69 -8.63
N ARG A 22 2.82 11.59 -9.38
CA ARG A 22 1.33 11.73 -9.38
C ARG A 22 0.65 10.78 -10.37
N GLY A 23 1.41 10.08 -11.18
CA GLY A 23 0.78 9.14 -12.17
C GLY A 23 1.53 7.81 -12.17
N PHE A 24 1.69 7.21 -11.02
CA PHE A 24 2.41 5.89 -10.95
C PHE A 24 1.50 4.74 -11.40
N PHE A 25 2.08 3.67 -11.87
CA PHE A 25 1.27 2.49 -12.33
C PHE A 25 0.71 1.70 -11.14
N TYR A 26 1.57 1.22 -10.27
CA TYR A 26 1.12 0.41 -9.10
C TYR A 26 0.28 -0.78 -9.57
N THR A 27 0.67 -1.39 -10.67
CA THR A 27 -0.09 -2.55 -11.20
C THR A 27 0.35 -3.85 -10.49
N PRO A 28 -0.57 -4.48 -9.78
CA PRO A 28 -0.23 -5.73 -9.06
C PRO A 28 -0.39 -6.94 -9.98
N LYS A 29 -0.08 -8.11 -9.48
CA LYS A 29 -0.21 -9.35 -10.31
C LYS A 29 -1.71 -9.62 -10.58
N THR A 30 -2.53 -9.44 -9.58
CA THR A 30 -4.02 -9.63 -9.70
C THR A 30 -4.43 -10.79 -10.63
N ARG A 31 -3.62 -11.82 -10.77
CA ARG A 31 -4.01 -12.94 -11.66
C ARG A 31 -5.17 -13.74 -11.05
N ARG A 32 -5.15 -13.96 -9.75
CA ARG A 32 -6.25 -14.74 -9.12
C ARG A 32 -7.60 -14.02 -9.26
N TYR A 33 -7.68 -12.79 -8.82
CA TYR A 33 -8.97 -12.03 -8.93
C TYR A 33 -8.69 -10.52 -8.85
N PRO A 34 -9.69 -9.72 -9.15
CA PRO A 34 -9.52 -8.24 -9.09
C PRO A 34 -9.50 -7.76 -7.64
N GLY A 35 -10.48 -8.17 -6.86
CA GLY A 35 -10.53 -7.75 -5.43
C GLY A 35 -11.71 -6.80 -5.21
N ASP A 36 -12.92 -7.29 -5.32
CA ASP A 36 -14.12 -6.43 -5.10
C ASP A 36 -14.32 -6.21 -3.60
N VAL A 37 -14.82 -5.05 -3.22
CA VAL A 37 -15.03 -4.73 -1.76
C VAL A 37 -13.70 -4.82 -1.00
N LYS A 38 -13.27 -6.01 -0.64
CA LYS A 38 -11.97 -6.14 0.09
C LYS A 38 -10.81 -6.07 -0.90
N ARG A 39 -10.00 -5.04 -0.81
CA ARG A 39 -8.85 -4.90 -1.75
C ARG A 39 -7.78 -5.94 -1.43
N GLY A 40 -7.55 -6.20 -0.17
CA GLY A 40 -6.52 -7.21 0.23
C GLY A 40 -5.27 -6.48 0.72
N ILE A 41 -4.81 -5.49 -0.03
CA ILE A 41 -3.59 -4.74 0.39
C ILE A 41 -3.90 -3.89 1.63
N VAL A 42 -5.06 -3.29 1.67
CA VAL A 42 -5.43 -2.44 2.84
C VAL A 42 -5.52 -3.31 4.10
N GLU A 43 -6.06 -4.49 3.98
CA GLU A 43 -6.21 -5.39 5.16
C GLU A 43 -4.85 -5.73 5.79
N GLN A 44 -3.86 -5.98 4.97
CA GLN A 44 -2.51 -6.33 5.52
C GLN A 44 -1.94 -5.17 6.35
N CYS A 45 -2.11 -3.96 5.88
CA CYS A 45 -1.57 -2.79 6.64
C CYS A 45 -2.55 -2.37 7.74
N CYS A 46 -3.82 -2.60 7.53
CA CYS A 46 -4.83 -2.22 8.57
C CYS A 46 -4.72 -3.17 9.77
N THR A 47 -4.60 -4.44 9.50
CA THR A 47 -4.48 -5.44 10.62
C THR A 47 -3.06 -5.43 11.19
N SER A 48 -2.08 -5.34 10.34
CA SER A 48 -0.66 -5.32 10.80
C SER A 48 0.09 -4.15 10.16
N ILE A 49 1.27 -3.86 10.63
CA ILE A 49 2.04 -2.72 10.06
C ILE A 49 2.86 -3.18 8.85
N CYS A 50 2.59 -2.62 7.70
CA CYS A 50 3.35 -3.00 6.47
C CYS A 50 4.74 -2.37 6.50
N SER A 51 5.74 -3.07 6.04
CA SER A 51 7.13 -2.51 6.05
C SER A 51 7.33 -1.58 4.85
N LEU A 52 8.09 -0.53 5.03
CA LEU A 52 8.36 0.43 3.91
C LEU A 52 9.04 -0.30 2.75
N TYR A 53 9.84 -1.29 3.06
CA TYR A 53 10.57 -2.03 1.98
C TYR A 53 9.59 -2.64 0.98
N GLN A 54 8.49 -3.17 1.46
CA GLN A 54 7.50 -3.79 0.52
C GLN A 54 6.83 -2.72 -0.33
N LEU A 55 6.48 -1.60 0.25
CA LEU A 55 5.83 -0.50 -0.54
C LEU A 55 6.79 -0.01 -1.62
N GLU A 56 8.04 0.17 -1.29
CA GLU A 56 9.03 0.66 -2.28
C GLU A 56 9.12 -0.31 -3.47
N ASN A 57 9.09 -1.58 -3.21
CA ASN A 57 9.19 -2.57 -4.33
C ASN A 57 7.95 -2.48 -5.23
N TYR A 58 6.77 -2.45 -4.65
CA TYR A 58 5.53 -2.35 -5.47
C TYR A 58 5.54 -1.08 -6.32
N CYS A 59 6.09 -0.02 -5.78
CA CYS A 59 6.14 1.26 -6.55
C CYS A 59 7.41 1.32 -7.39
N ASN A 60 7.57 0.38 -8.29
CA ASN A 60 8.79 0.35 -9.15
C ASN A 60 8.80 1.58 -10.07
N PHE A 1 8.28 14.04 16.35
CA PHE A 1 8.29 12.99 15.29
C PHE A 1 6.93 12.30 15.24
N VAL A 2 6.52 11.83 14.08
CA VAL A 2 5.22 11.16 13.96
C VAL A 2 5.38 9.82 13.22
N ASN A 3 4.43 8.94 13.39
CA ASN A 3 4.50 7.62 12.70
C ASN A 3 3.12 6.99 12.72
N GLN A 4 2.21 7.51 11.93
CA GLN A 4 0.84 6.96 11.89
C GLN A 4 0.81 5.70 11.01
N HIS A 5 -0.19 4.88 11.18
CA HIS A 5 -0.27 3.64 10.37
C HIS A 5 -0.70 3.97 8.94
N LEU A 6 0.06 3.58 7.96
CA LEU A 6 -0.32 3.87 6.54
C LEU A 6 -1.60 3.12 6.20
N CYS A 7 -2.72 3.76 6.36
CA CYS A 7 -4.02 3.10 6.06
C CYS A 7 -5.04 4.15 5.61
N GLY A 8 -6.23 3.74 5.25
CA GLY A 8 -7.29 4.72 4.86
C GLY A 8 -6.75 5.63 3.73
N SER A 9 -6.95 6.92 3.83
CA SER A 9 -6.44 7.84 2.77
C SER A 9 -4.93 8.02 2.88
N HIS A 10 -4.39 7.83 4.07
CA HIS A 10 -2.91 8.00 4.27
C HIS A 10 -2.12 7.00 3.43
N LEU A 11 -2.59 5.78 3.34
CA LEU A 11 -1.86 4.73 2.56
C LEU A 11 -1.72 5.14 1.09
N VAL A 12 -2.76 5.67 0.50
CA VAL A 12 -2.69 6.09 -0.94
C VAL A 12 -1.68 7.23 -1.09
N GLU A 13 -1.76 8.22 -0.24
CA GLU A 13 -0.80 9.37 -0.32
C GLU A 13 0.63 8.85 -0.14
N ALA A 14 0.82 7.93 0.76
CA ALA A 14 2.17 7.36 0.99
C ALA A 14 2.71 6.72 -0.30
N LEU A 15 1.86 6.04 -1.03
CA LEU A 15 2.31 5.39 -2.30
C LEU A 15 2.85 6.44 -3.26
N TYR A 16 2.18 7.58 -3.35
CA TYR A 16 2.65 8.65 -4.28
C TYR A 16 4.07 9.09 -3.89
N LEU A 17 4.27 9.39 -2.64
CA LEU A 17 5.62 9.82 -2.16
C LEU A 17 6.61 8.65 -2.21
N VAL A 18 6.16 7.46 -1.89
CA VAL A 18 7.09 6.28 -1.90
C VAL A 18 7.51 5.92 -3.34
N CYS A 19 6.58 5.79 -4.23
CA CYS A 19 6.93 5.45 -5.64
C CYS A 19 7.64 6.63 -6.30
N GLY A 20 7.18 7.83 -6.03
CA GLY A 20 7.84 9.03 -6.61
C GLY A 20 7.13 9.50 -7.87
N GLU A 21 6.84 8.60 -8.79
CA GLU A 21 6.16 9.02 -10.05
C GLU A 21 4.94 8.14 -10.33
N ARG A 22 3.94 8.68 -10.97
CA ARG A 22 2.72 7.90 -11.30
C ARG A 22 2.98 6.90 -12.45
N GLY A 23 4.16 6.95 -13.04
CA GLY A 23 4.47 6.03 -14.18
C GLY A 23 4.13 4.56 -13.86
N PHE A 24 4.08 4.19 -12.60
CA PHE A 24 3.77 2.76 -12.28
C PHE A 24 2.29 2.47 -12.52
N PHE A 25 1.98 1.30 -13.03
CA PHE A 25 0.57 0.93 -13.31
C PHE A 25 -0.16 0.50 -12.03
N TYR A 26 0.54 -0.12 -11.12
CA TYR A 26 -0.09 -0.61 -9.85
C TYR A 26 -1.26 -1.55 -10.17
N THR A 27 -0.96 -2.71 -10.70
CA THR A 27 -2.04 -3.68 -11.03
C THR A 27 -1.51 -5.11 -10.86
N PRO A 28 -1.25 -5.50 -9.62
CA PRO A 28 -0.76 -6.86 -9.35
C PRO A 28 -1.85 -7.89 -9.65
N LYS A 29 -1.48 -9.12 -9.85
CA LYS A 29 -2.50 -10.17 -10.16
C LYS A 29 -3.43 -10.42 -8.97
N THR A 30 -2.90 -10.38 -7.77
CA THR A 30 -3.75 -10.64 -6.54
C THR A 30 -4.57 -11.92 -6.72
N ARG A 31 -3.90 -13.00 -7.10
CA ARG A 31 -4.60 -14.31 -7.32
C ARG A 31 -5.90 -14.13 -8.15
N ARG A 32 -7.02 -13.90 -7.51
CA ARG A 32 -8.29 -13.71 -8.25
C ARG A 32 -8.40 -12.26 -8.74
N TYR A 33 -9.12 -12.01 -9.80
CA TYR A 33 -9.26 -10.61 -10.31
C TYR A 33 -10.26 -9.78 -9.47
N PRO A 34 -11.40 -10.36 -9.10
CA PRO A 34 -12.39 -9.59 -8.31
C PRO A 34 -12.00 -9.59 -6.82
N GLY A 35 -12.53 -8.66 -6.05
CA GLY A 35 -12.18 -8.61 -4.61
C GLY A 35 -11.35 -7.36 -4.33
N ASP A 36 -11.73 -6.64 -3.30
CA ASP A 36 -10.98 -5.39 -2.95
C ASP A 36 -11.13 -5.07 -1.45
N VAL A 37 -10.52 -3.99 -1.02
CA VAL A 37 -10.55 -3.57 0.43
C VAL A 37 -10.42 -4.77 1.40
N LYS A 38 -9.76 -5.82 0.99
CA LYS A 38 -9.57 -7.01 1.89
C LYS A 38 -8.41 -7.86 1.37
N ARG A 39 -7.44 -7.25 0.73
CA ARG A 39 -6.29 -8.03 0.19
C ARG A 39 -5.37 -8.51 1.31
N GLY A 40 -5.12 -7.69 2.29
CA GLY A 40 -4.24 -8.09 3.41
C GLY A 40 -3.28 -6.93 3.75
N ILE A 41 -2.82 -6.22 2.75
CA ILE A 41 -1.90 -5.06 3.01
C ILE A 41 -2.62 -4.02 3.88
N VAL A 42 -3.83 -3.71 3.54
CA VAL A 42 -4.60 -2.69 4.31
C VAL A 42 -4.86 -3.16 5.75
N GLU A 43 -5.18 -4.42 5.93
CA GLU A 43 -5.46 -4.94 7.30
C GLU A 43 -4.19 -4.98 8.16
N GLN A 44 -3.08 -5.37 7.57
CA GLN A 44 -1.81 -5.47 8.35
C GLN A 44 -1.29 -4.10 8.80
N CYS A 45 -1.38 -3.10 7.95
CA CYS A 45 -0.86 -1.74 8.32
C CYS A 45 -1.80 -1.06 9.31
N CYS A 46 -3.09 -1.25 9.15
CA CYS A 46 -4.05 -0.58 10.10
C CYS A 46 -3.80 -1.06 11.54
N THR A 47 -3.63 -2.34 11.74
CA THR A 47 -3.38 -2.86 13.12
C THR A 47 -1.96 -2.52 13.58
N SER A 48 -0.99 -2.63 12.70
CA SER A 48 0.42 -2.33 13.11
C SER A 48 1.12 -1.49 12.03
N ILE A 49 2.17 -0.80 12.41
CA ILE A 49 2.91 0.04 11.42
C ILE A 49 3.57 -0.83 10.35
N CYS A 50 3.46 -0.44 9.10
CA CYS A 50 4.10 -1.23 8.01
C CYS A 50 5.46 -0.64 7.66
N SER A 51 6.42 -1.47 7.35
CA SER A 51 7.79 -0.97 7.02
C SER A 51 7.85 -0.42 5.60
N LEU A 52 8.81 0.44 5.34
CA LEU A 52 8.96 1.03 3.97
C LEU A 52 9.18 -0.08 2.94
N TYR A 53 9.80 -1.16 3.33
CA TYR A 53 10.06 -2.27 2.37
C TYR A 53 8.76 -2.82 1.79
N GLN A 54 7.73 -2.93 2.60
CA GLN A 54 6.43 -3.45 2.07
C GLN A 54 5.87 -2.48 1.02
N LEU A 55 5.99 -1.20 1.27
CA LEU A 55 5.50 -0.20 0.28
C LEU A 55 6.29 -0.32 -1.02
N GLU A 56 7.59 -0.47 -0.91
CA GLU A 56 8.45 -0.61 -2.12
C GLU A 56 8.04 -1.84 -2.94
N ASN A 57 7.71 -2.91 -2.26
CA ASN A 57 7.30 -4.16 -2.98
C ASN A 57 5.98 -3.93 -3.72
N TYR A 58 5.07 -3.22 -3.10
CA TYR A 58 3.75 -2.95 -3.75
C TYR A 58 3.90 -2.05 -4.98
N CYS A 59 4.99 -1.34 -5.09
CA CYS A 59 5.17 -0.42 -6.27
C CYS A 59 5.82 -1.16 -7.45
N ASN A 60 6.01 -2.46 -7.34
CA ASN A 60 6.63 -3.22 -8.48
C ASN A 60 5.65 -3.29 -9.65
N PHE A 1 8.18 10.16 18.85
CA PHE A 1 8.32 8.91 18.06
C PHE A 1 6.94 8.27 17.80
N VAL A 2 6.39 8.47 16.64
CA VAL A 2 5.08 7.87 16.31
C VAL A 2 5.15 7.13 14.98
N ASN A 3 4.25 6.21 14.76
CA ASN A 3 4.24 5.44 13.49
C ASN A 3 2.82 4.93 13.25
N GLN A 4 2.02 5.68 12.54
CA GLN A 4 0.62 5.27 12.29
C GLN A 4 0.55 4.24 11.16
N HIS A 5 -0.52 3.51 11.11
CA HIS A 5 -0.69 2.48 10.03
C HIS A 5 -1.08 3.15 8.71
N LEU A 6 -0.82 2.49 7.61
CA LEU A 6 -1.17 3.08 6.29
C LEU A 6 -2.49 2.51 5.77
N CYS A 7 -3.56 3.19 6.01
CA CYS A 7 -4.90 2.72 5.54
C CYS A 7 -5.80 3.92 5.29
N GLY A 8 -7.03 3.69 4.86
CA GLY A 8 -7.99 4.82 4.65
C GLY A 8 -7.37 5.86 3.71
N SER A 9 -7.50 7.12 4.00
CA SER A 9 -6.92 8.17 3.10
C SER A 9 -5.40 8.26 3.27
N HIS A 10 -4.90 7.87 4.41
CA HIS A 10 -3.43 7.93 4.66
C HIS A 10 -2.67 7.01 3.68
N LEU A 11 -3.22 5.86 3.42
CA LEU A 11 -2.55 4.90 2.49
C LEU A 11 -2.37 5.52 1.10
N VAL A 12 -3.39 6.20 0.60
CA VAL A 12 -3.28 6.82 -0.76
C VAL A 12 -2.14 7.85 -0.77
N GLU A 13 -2.12 8.73 0.19
CA GLU A 13 -1.03 9.76 0.23
C GLU A 13 0.34 9.09 0.34
N ALA A 14 0.42 8.05 1.14
CA ALA A 14 1.71 7.34 1.32
C ALA A 14 2.19 6.72 0.01
N LEU A 15 1.31 6.08 -0.72
CA LEU A 15 1.72 5.44 -2.01
C LEU A 15 2.29 6.48 -2.98
N TYR A 16 1.68 7.64 -3.05
CA TYR A 16 2.20 8.70 -3.97
C TYR A 16 3.63 9.07 -3.61
N LEU A 17 3.91 9.23 -2.34
CA LEU A 17 5.29 9.62 -1.91
C LEU A 17 6.28 8.47 -2.12
N VAL A 18 5.89 7.25 -1.81
CA VAL A 18 6.81 6.09 -1.98
C VAL A 18 7.06 5.80 -3.47
N CYS A 19 6.03 5.84 -4.27
CA CYS A 19 6.20 5.55 -5.72
C CYS A 19 6.96 6.68 -6.40
N GLY A 20 6.68 7.91 -6.04
CA GLY A 20 7.39 9.07 -6.65
C GLY A 20 7.02 9.19 -8.14
N GLU A 21 5.92 8.60 -8.55
CA GLU A 21 5.51 8.68 -9.98
C GLU A 21 4.08 9.24 -10.08
N ARG A 22 3.85 10.11 -11.03
CA ARG A 22 2.49 10.70 -11.20
C ARG A 22 1.47 9.60 -11.48
N GLY A 23 1.79 8.67 -12.34
CA GLY A 23 0.83 7.57 -12.67
C GLY A 23 1.45 6.23 -12.30
N PHE A 24 1.64 5.96 -11.03
CA PHE A 24 2.23 4.66 -10.60
C PHE A 24 1.21 3.54 -10.78
N PHE A 25 1.64 2.40 -11.26
CA PHE A 25 0.69 1.26 -11.47
C PHE A 25 0.36 0.59 -10.14
N TYR A 26 1.37 0.19 -9.39
CA TYR A 26 1.13 -0.49 -8.07
C TYR A 26 0.13 -1.63 -8.23
N THR A 27 0.23 -2.38 -9.30
CA THR A 27 -0.71 -3.51 -9.54
C THR A 27 -0.35 -4.72 -8.64
N PRO A 28 -1.36 -5.37 -8.09
CA PRO A 28 -1.09 -6.54 -7.24
C PRO A 28 -0.72 -7.74 -8.10
N LYS A 29 -0.73 -8.92 -7.54
CA LYS A 29 -0.37 -10.13 -8.33
C LYS A 29 -1.54 -10.60 -9.23
N THR A 30 -2.08 -9.71 -10.02
CA THR A 30 -3.20 -10.06 -10.95
C THR A 30 -4.24 -11.00 -10.31
N ARG A 31 -4.80 -10.62 -9.20
CA ARG A 31 -5.81 -11.49 -8.53
C ARG A 31 -7.16 -11.41 -9.26
N ARG A 32 -7.77 -12.53 -9.55
CA ARG A 32 -9.08 -12.53 -10.26
C ARG A 32 -10.20 -12.83 -9.27
N TYR A 33 -11.05 -11.86 -8.99
CA TYR A 33 -12.17 -12.10 -8.03
C TYR A 33 -13.35 -11.16 -8.37
N PRO A 34 -14.56 -11.64 -8.18
CA PRO A 34 -15.75 -10.82 -8.47
C PRO A 34 -16.11 -9.93 -7.27
N GLY A 35 -15.36 -8.88 -7.05
CA GLY A 35 -15.67 -7.97 -5.91
C GLY A 35 -14.53 -7.98 -4.88
N ASP A 36 -13.47 -7.26 -5.14
CA ASP A 36 -12.32 -7.24 -4.18
C ASP A 36 -12.64 -6.30 -3.01
N VAL A 37 -12.70 -6.82 -1.81
CA VAL A 37 -13.01 -5.97 -0.62
C VAL A 37 -11.80 -5.08 -0.29
N LYS A 38 -10.62 -5.61 -0.41
CA LYS A 38 -9.39 -4.82 -0.10
C LYS A 38 -8.24 -5.24 -1.03
N ARG A 39 -7.25 -4.39 -1.17
CA ARG A 39 -6.10 -4.72 -2.05
C ARG A 39 -5.28 -5.87 -1.45
N GLY A 40 -5.09 -5.85 -0.15
CA GLY A 40 -4.30 -6.92 0.52
C GLY A 40 -3.15 -6.28 1.28
N ILE A 41 -2.38 -5.45 0.62
CA ILE A 41 -1.23 -4.77 1.30
C ILE A 41 -1.77 -3.88 2.43
N VAL A 42 -2.87 -3.20 2.17
CA VAL A 42 -3.45 -2.30 3.21
C VAL A 42 -3.87 -3.12 4.44
N GLU A 43 -4.41 -4.30 4.22
CA GLU A 43 -4.83 -5.17 5.36
C GLU A 43 -3.63 -5.48 6.26
N GLN A 44 -2.50 -5.77 5.66
CA GLN A 44 -1.29 -6.11 6.46
C GLN A 44 -0.80 -4.88 7.23
N CYS A 45 -0.83 -3.72 6.62
CA CYS A 45 -0.35 -2.49 7.30
C CYS A 45 -1.40 -1.97 8.30
N CYS A 46 -2.66 -2.25 8.05
CA CYS A 46 -3.74 -1.77 8.97
C CYS A 46 -3.54 -2.34 10.39
N THR A 47 -3.34 -3.63 10.51
CA THR A 47 -3.16 -4.24 11.87
C THR A 47 -1.77 -3.94 12.43
N SER A 48 -0.76 -3.99 11.60
CA SER A 48 0.62 -3.72 12.08
C SER A 48 1.33 -2.77 11.12
N ILE A 49 2.30 -2.03 11.61
CA ILE A 49 3.04 -1.08 10.72
C ILE A 49 3.90 -1.85 9.72
N CYS A 50 3.78 -1.53 8.46
CA CYS A 50 4.58 -2.24 7.41
C CYS A 50 6.00 -1.66 7.36
N SER A 51 6.96 -2.44 6.96
CA SER A 51 8.37 -1.93 6.88
C SER A 51 8.58 -1.12 5.61
N LEU A 52 9.57 -0.25 5.62
CA LEU A 52 9.84 0.60 4.42
C LEU A 52 10.18 -0.27 3.21
N TYR A 53 10.92 -1.32 3.42
CA TYR A 53 11.32 -2.22 2.30
C TYR A 53 10.08 -2.81 1.61
N GLN A 54 9.11 -3.25 2.37
CA GLN A 54 7.89 -3.85 1.75
C GLN A 54 7.08 -2.79 1.02
N LEU A 55 6.94 -1.61 1.59
CA LEU A 55 6.16 -0.54 0.89
C LEU A 55 6.81 -0.20 -0.45
N GLU A 56 8.09 0.03 -0.45
CA GLU A 56 8.81 0.33 -1.71
C GLU A 56 8.70 -0.85 -2.69
N ASN A 57 8.78 -2.05 -2.17
CA ASN A 57 8.71 -3.26 -3.04
C ASN A 57 7.33 -3.37 -3.71
N TYR A 58 6.27 -3.06 -3.01
CA TYR A 58 4.91 -3.16 -3.62
C TYR A 58 4.79 -2.25 -4.85
N CYS A 59 5.38 -1.09 -4.81
CA CYS A 59 5.29 -0.18 -5.98
C CYS A 59 6.42 -0.47 -6.98
N ASN A 60 7.35 -1.33 -6.61
CA ASN A 60 8.47 -1.66 -7.55
C ASN A 60 7.94 -2.50 -8.72
N PHE A 1 7.70 13.30 16.75
CA PHE A 1 7.78 12.68 15.40
C PHE A 1 7.16 11.28 15.43
N VAL A 2 6.38 10.96 14.44
CA VAL A 2 5.72 9.62 14.39
C VAL A 2 5.95 8.97 13.02
N ASN A 3 5.79 7.67 12.96
CA ASN A 3 5.98 6.94 11.67
C ASN A 3 5.15 5.66 11.68
N GLN A 4 3.88 5.78 11.42
CA GLN A 4 2.99 4.58 11.43
C GLN A 4 3.10 3.84 10.09
N HIS A 5 2.55 2.67 10.00
CA HIS A 5 2.63 1.90 8.71
C HIS A 5 1.77 2.57 7.64
N LEU A 6 2.14 2.38 6.39
CA LEU A 6 1.38 3.01 5.28
C LEU A 6 0.06 2.28 5.04
N CYS A 7 -0.99 2.74 5.66
CA CYS A 7 -2.31 2.08 5.49
C CYS A 7 -3.43 3.10 5.68
N GLY A 8 -4.65 2.71 5.42
CA GLY A 8 -5.82 3.60 5.65
C GLY A 8 -5.61 4.94 4.92
N SER A 9 -5.91 6.04 5.56
CA SER A 9 -5.74 7.38 4.89
C SER A 9 -4.25 7.73 4.73
N HIS A 10 -3.44 7.33 5.67
CA HIS A 10 -1.98 7.63 5.58
C HIS A 10 -1.38 7.03 4.30
N LEU A 11 -1.86 5.89 3.89
CA LEU A 11 -1.31 5.24 2.66
C LEU A 11 -1.51 6.15 1.44
N VAL A 12 -2.67 6.72 1.28
CA VAL A 12 -2.90 7.61 0.11
C VAL A 12 -1.96 8.83 0.18
N GLU A 13 -1.99 9.51 1.30
CA GLU A 13 -1.10 10.70 1.46
C GLU A 13 0.37 10.30 1.34
N ALA A 14 0.74 9.23 1.98
CA ALA A 14 2.17 8.77 1.94
C ALA A 14 2.60 8.45 0.50
N LEU A 15 1.79 7.71 -0.22
CA LEU A 15 2.17 7.36 -1.63
C LEU A 15 2.35 8.62 -2.49
N TYR A 16 1.51 9.61 -2.31
CA TYR A 16 1.67 10.86 -3.13
C TYR A 16 3.04 11.50 -2.86
N LEU A 17 3.39 11.64 -1.61
CA LEU A 17 4.71 12.23 -1.27
C LEU A 17 5.85 11.29 -1.65
N VAL A 18 5.67 10.01 -1.41
CA VAL A 18 6.73 9.02 -1.73
C VAL A 18 6.76 8.73 -3.23
N CYS A 19 5.73 8.09 -3.74
CA CYS A 19 5.71 7.75 -5.20
C CYS A 19 5.28 8.97 -6.03
N GLY A 20 4.04 9.36 -5.94
CA GLY A 20 3.55 10.53 -6.72
C GLY A 20 3.70 10.25 -8.23
N GLU A 21 3.81 9.00 -8.61
CA GLU A 21 3.96 8.66 -10.05
C GLU A 21 2.60 8.65 -10.74
N ARG A 22 2.56 9.03 -11.99
CA ARG A 22 1.27 9.06 -12.74
C ARG A 22 0.64 7.67 -12.81
N GLY A 23 1.43 6.65 -13.00
CA GLY A 23 0.87 5.26 -13.08
C GLY A 23 0.91 4.57 -11.71
N PHE A 24 0.84 5.33 -10.65
CA PHE A 24 0.89 4.73 -9.28
C PHE A 24 -0.46 4.05 -8.91
N PHE A 25 -0.82 3.00 -9.61
CA PHE A 25 -2.10 2.29 -9.30
C PHE A 25 -1.95 1.52 -7.98
N TYR A 26 -0.75 1.16 -7.61
CA TYR A 26 -0.51 0.41 -6.34
C TYR A 26 -1.50 -0.75 -6.14
N THR A 27 -1.35 -1.79 -6.89
CA THR A 27 -2.25 -2.96 -6.75
C THR A 27 -1.47 -4.27 -6.93
N PRO A 28 -2.03 -5.36 -6.43
CA PRO A 28 -1.34 -6.67 -6.55
C PRO A 28 -1.40 -7.18 -7.98
N LYS A 29 -1.16 -8.44 -8.18
CA LYS A 29 -1.18 -9.02 -9.56
C LYS A 29 -2.59 -8.96 -10.16
N THR A 30 -3.60 -8.88 -9.31
CA THR A 30 -5.02 -8.82 -9.82
C THR A 30 -5.32 -9.99 -10.75
N ARG A 31 -5.76 -11.09 -10.21
CA ARG A 31 -6.08 -12.28 -11.05
C ARG A 31 -7.11 -13.17 -10.34
N ARG A 32 -6.86 -13.46 -9.09
CA ARG A 32 -7.80 -14.32 -8.31
C ARG A 32 -9.20 -13.67 -8.27
N TYR A 33 -9.26 -12.41 -7.93
CA TYR A 33 -10.57 -11.70 -7.86
C TYR A 33 -10.37 -10.18 -7.93
N PRO A 34 -11.24 -9.49 -8.65
CA PRO A 34 -11.10 -8.02 -8.77
C PRO A 34 -11.44 -7.30 -7.45
N GLY A 35 -10.44 -6.98 -6.67
CA GLY A 35 -10.68 -6.27 -5.37
C GLY A 35 -11.10 -7.29 -4.30
N ASP A 36 -12.16 -8.00 -4.55
CA ASP A 36 -12.64 -9.02 -3.55
C ASP A 36 -12.83 -8.39 -2.16
N VAL A 37 -13.39 -7.22 -2.12
CA VAL A 37 -13.62 -6.51 -0.81
C VAL A 37 -12.30 -6.40 -0.02
N LYS A 38 -11.94 -7.40 0.75
CA LYS A 38 -10.66 -7.33 1.51
C LYS A 38 -9.50 -7.71 0.58
N ARG A 39 -8.63 -6.77 0.28
CA ARG A 39 -7.48 -7.08 -0.61
C ARG A 39 -6.53 -8.04 0.10
N GLY A 40 -6.34 -7.82 1.38
CA GLY A 40 -5.45 -8.72 2.17
C GLY A 40 -4.16 -8.00 2.54
N ILE A 41 -3.51 -7.37 1.59
CA ILE A 41 -2.24 -6.64 1.90
C ILE A 41 -2.53 -5.43 2.79
N VAL A 42 -3.59 -4.72 2.52
CA VAL A 42 -3.93 -3.53 3.35
C VAL A 42 -4.24 -3.94 4.79
N GLU A 43 -4.95 -5.02 4.98
CA GLU A 43 -5.30 -5.46 6.36
C GLU A 43 -4.04 -5.88 7.14
N GLN A 44 -3.13 -6.57 6.48
CA GLN A 44 -1.88 -7.03 7.18
C GLN A 44 -1.08 -5.83 7.72
N CYS A 45 -0.90 -4.81 6.93
CA CYS A 45 -0.09 -3.63 7.39
C CYS A 45 -0.94 -2.68 8.24
N CYS A 46 -2.23 -2.65 8.04
CA CYS A 46 -3.09 -1.74 8.86
C CYS A 46 -3.04 -2.18 10.33
N THR A 47 -3.06 -3.46 10.57
CA THR A 47 -3.00 -3.98 11.98
C THR A 47 -1.57 -3.99 12.51
N SER A 48 -0.63 -4.43 11.71
CA SER A 48 0.78 -4.47 12.17
C SER A 48 1.68 -3.71 11.19
N ILE A 49 2.88 -3.38 11.60
CA ILE A 49 3.80 -2.62 10.71
C ILE A 49 4.48 -3.54 9.70
N CYS A 50 4.55 -3.10 8.46
CA CYS A 50 5.21 -3.91 7.40
C CYS A 50 6.57 -3.30 7.06
N SER A 51 7.42 -4.04 6.39
CA SER A 51 8.76 -3.50 6.03
C SER A 51 8.63 -2.57 4.81
N LEU A 52 9.27 -1.43 4.87
CA LEU A 52 9.19 -0.46 3.74
C LEU A 52 9.69 -1.10 2.44
N TYR A 53 10.58 -2.05 2.52
CA TYR A 53 11.12 -2.69 1.28
C TYR A 53 9.98 -3.33 0.48
N GLN A 54 9.08 -4.00 1.14
CA GLN A 54 7.94 -4.63 0.40
C GLN A 54 7.01 -3.54 -0.14
N LEU A 55 6.79 -2.50 0.63
CA LEU A 55 5.91 -1.38 0.16
C LEU A 55 6.51 -0.76 -1.10
N GLU A 56 7.80 -0.55 -1.10
CA GLU A 56 8.48 0.06 -2.29
C GLU A 56 8.30 -0.82 -3.53
N ASN A 57 8.37 -2.11 -3.39
CA ASN A 57 8.22 -3.01 -4.57
C ASN A 57 6.83 -2.87 -5.19
N TYR A 58 5.81 -2.78 -4.37
CA TYR A 58 4.42 -2.63 -4.92
C TYR A 58 4.31 -1.36 -5.76
N CYS A 59 4.91 -0.29 -5.31
CA CYS A 59 4.84 0.99 -6.06
C CYS A 59 5.99 1.10 -7.08
N ASN A 60 6.91 0.16 -7.06
CA ASN A 60 8.05 0.22 -8.04
C ASN A 60 7.54 -0.02 -9.46
N PHE A 1 8.38 12.69 14.45
CA PHE A 1 8.25 11.40 15.18
C PHE A 1 6.82 10.87 15.05
N VAL A 2 6.58 10.05 14.05
CA VAL A 2 5.23 9.49 13.84
C VAL A 2 5.28 7.96 13.67
N ASN A 3 4.16 7.31 13.87
CA ASN A 3 4.10 5.82 13.73
C ASN A 3 2.66 5.40 13.45
N GLN A 4 2.01 6.09 12.55
CA GLN A 4 0.58 5.77 12.22
C GLN A 4 0.53 4.59 11.24
N HIS A 5 -0.61 3.95 11.15
CA HIS A 5 -0.76 2.80 10.22
C HIS A 5 -0.99 3.30 8.79
N LEU A 6 -0.36 2.69 7.82
CA LEU A 6 -0.55 3.13 6.41
C LEU A 6 -1.80 2.47 5.82
N CYS A 7 -2.93 3.05 6.05
CA CYS A 7 -4.21 2.49 5.53
C CYS A 7 -5.21 3.63 5.27
N GLY A 8 -6.41 3.29 4.88
CA GLY A 8 -7.46 4.34 4.66
C GLY A 8 -6.95 5.40 3.68
N SER A 9 -7.19 6.65 3.96
CA SER A 9 -6.71 7.74 3.03
C SER A 9 -5.19 7.94 3.16
N HIS A 10 -4.63 7.58 4.29
CA HIS A 10 -3.16 7.79 4.51
C HIS A 10 -2.33 6.89 3.59
N LEU A 11 -2.73 5.66 3.38
CA LEU A 11 -1.95 4.74 2.50
C LEU A 11 -1.84 5.28 1.07
N VAL A 12 -2.94 5.74 0.51
CA VAL A 12 -2.91 6.26 -0.89
C VAL A 12 -2.01 7.51 -0.98
N GLU A 13 -2.20 8.44 -0.10
CA GLU A 13 -1.38 9.70 -0.13
C GLU A 13 0.11 9.40 0.03
N ALA A 14 0.46 8.56 0.98
CA ALA A 14 1.90 8.26 1.22
C ALA A 14 2.58 7.62 0.00
N LEU A 15 2.04 6.55 -0.52
CA LEU A 15 2.68 5.87 -1.70
C LEU A 15 2.79 6.80 -2.91
N TYR A 16 1.75 7.53 -3.22
CA TYR A 16 1.80 8.44 -4.41
C TYR A 16 2.91 9.48 -4.28
N LEU A 17 3.11 10.04 -3.11
CA LEU A 17 4.17 11.07 -2.94
C LEU A 17 5.56 10.45 -3.08
N VAL A 18 5.76 9.29 -2.53
CA VAL A 18 7.09 8.61 -2.62
C VAL A 18 7.36 8.13 -4.05
N CYS A 19 6.38 7.54 -4.68
CA CYS A 19 6.56 7.04 -6.07
C CYS A 19 6.68 8.21 -7.07
N GLY A 20 5.94 9.27 -6.83
CA GLY A 20 6.01 10.45 -7.75
C GLY A 20 5.40 10.10 -9.11
N GLU A 21 6.17 9.47 -9.96
CA GLU A 21 5.65 9.10 -11.32
C GLU A 21 4.37 8.26 -11.21
N ARG A 22 3.50 8.36 -12.18
CA ARG A 22 2.23 7.58 -12.14
C ARG A 22 2.32 6.33 -13.03
N GLY A 23 3.51 6.00 -13.50
CA GLY A 23 3.65 4.81 -14.40
C GLY A 23 3.64 3.50 -13.59
N PHE A 24 3.58 3.56 -12.28
CA PHE A 24 3.57 2.30 -11.47
C PHE A 24 2.21 1.61 -11.57
N PHE A 25 2.20 0.30 -11.69
CA PHE A 25 0.92 -0.45 -11.78
C PHE A 25 0.28 -0.61 -10.40
N TYR A 26 1.06 -0.87 -9.39
CA TYR A 26 0.50 -1.07 -8.01
C TYR A 26 -0.65 -2.09 -8.04
N THR A 27 -0.53 -3.08 -8.89
CA THR A 27 -1.59 -4.10 -9.01
C THR A 27 -1.40 -5.23 -7.97
N PRO A 28 -2.37 -5.39 -7.09
CA PRO A 28 -2.27 -6.47 -6.07
C PRO A 28 -2.44 -7.83 -6.75
N LYS A 29 -2.77 -8.85 -6.00
CA LYS A 29 -2.94 -10.19 -6.62
C LYS A 29 -4.12 -10.19 -7.59
N THR A 30 -5.30 -9.87 -7.09
CA THR A 30 -6.55 -9.81 -7.94
C THR A 30 -6.59 -10.88 -9.04
N ARG A 31 -6.15 -12.08 -8.75
CA ARG A 31 -6.18 -13.17 -9.78
C ARG A 31 -7.59 -13.75 -9.90
N ARG A 32 -8.03 -14.47 -8.89
CA ARG A 32 -9.40 -15.05 -8.93
C ARG A 32 -10.46 -13.96 -8.81
N TYR A 33 -10.22 -12.98 -7.96
CA TYR A 33 -11.20 -11.88 -7.78
C TYR A 33 -10.50 -10.60 -7.28
N PRO A 34 -10.96 -9.45 -7.74
CA PRO A 34 -10.35 -8.17 -7.31
C PRO A 34 -10.68 -7.89 -5.83
N GLY A 35 -11.94 -7.90 -5.49
CA GLY A 35 -12.34 -7.64 -4.07
C GLY A 35 -12.26 -6.15 -3.76
N ASP A 36 -13.39 -5.49 -3.69
CA ASP A 36 -13.40 -4.03 -3.37
C ASP A 36 -13.12 -3.83 -1.89
N VAL A 37 -12.58 -2.68 -1.51
CA VAL A 37 -12.24 -2.38 -0.08
C VAL A 37 -11.12 -3.33 0.40
N LYS A 38 -11.40 -4.61 0.45
CA LYS A 38 -10.34 -5.59 0.87
C LYS A 38 -9.41 -5.83 -0.31
N ARG A 39 -8.18 -6.21 -0.04
CA ARG A 39 -7.20 -6.46 -1.14
C ARG A 39 -6.16 -7.51 -0.73
N GLY A 40 -5.76 -7.51 0.52
CA GLY A 40 -4.75 -8.51 1.00
C GLY A 40 -3.56 -7.76 1.58
N ILE A 41 -2.95 -6.91 0.81
CA ILE A 41 -1.77 -6.14 1.32
C ILE A 41 -2.21 -5.11 2.37
N VAL A 42 -3.45 -4.70 2.33
CA VAL A 42 -3.95 -3.71 3.34
C VAL A 42 -3.79 -4.26 4.76
N GLU A 43 -4.06 -5.53 4.94
CA GLU A 43 -3.94 -6.14 6.31
C GLU A 43 -2.53 -5.97 6.85
N GLN A 44 -1.54 -6.08 6.00
CA GLN A 44 -0.13 -5.94 6.46
C GLN A 44 0.09 -4.56 7.07
N CYS A 45 -0.46 -3.53 6.47
CA CYS A 45 -0.28 -2.15 7.03
C CYS A 45 -1.36 -1.85 8.08
N CYS A 46 -2.58 -2.30 7.85
CA CYS A 46 -3.68 -2.02 8.83
C CYS A 46 -3.45 -2.77 10.14
N THR A 47 -3.09 -4.03 10.07
CA THR A 47 -2.85 -4.81 11.33
C THR A 47 -1.56 -4.30 12.00
N SER A 48 -0.56 -4.05 11.20
CA SER A 48 0.73 -3.53 11.76
C SER A 48 1.28 -2.47 10.79
N ILE A 49 2.08 -1.56 11.28
CA ILE A 49 2.63 -0.51 10.37
C ILE A 49 3.59 -1.15 9.37
N CYS A 50 3.38 -0.90 8.09
CA CYS A 50 4.27 -1.49 7.05
C CYS A 50 5.65 -0.83 7.09
N SER A 51 6.70 -1.60 6.92
CA SER A 51 8.07 -1.03 6.97
C SER A 51 8.43 -0.36 5.65
N LEU A 52 9.39 0.54 5.68
CA LEU A 52 9.82 1.26 4.45
C LEU A 52 10.32 0.26 3.39
N TYR A 53 11.05 -0.74 3.81
CA TYR A 53 11.59 -1.73 2.83
C TYR A 53 10.47 -2.42 2.04
N GLN A 54 9.40 -2.79 2.71
CA GLN A 54 8.28 -3.45 1.99
C GLN A 54 7.57 -2.46 1.06
N LEU A 55 7.40 -1.24 1.50
CA LEU A 55 6.72 -0.22 0.64
C LEU A 55 7.55 0.03 -0.62
N GLU A 56 8.85 0.11 -0.47
CA GLU A 56 9.74 0.34 -1.64
C GLU A 56 9.61 -0.79 -2.67
N ASN A 57 9.52 -2.01 -2.20
CA ASN A 57 9.41 -3.16 -3.15
C ASN A 57 8.12 -3.07 -3.96
N TYR A 58 7.03 -2.72 -3.32
CA TYR A 58 5.72 -2.62 -4.04
C TYR A 58 5.76 -1.55 -5.14
N CYS A 59 6.39 -0.43 -4.89
CA CYS A 59 6.44 0.66 -5.93
C CYS A 59 7.64 0.48 -6.87
N ASN A 60 8.46 -0.53 -6.65
CA ASN A 60 9.64 -0.74 -7.54
C ASN A 60 9.18 -1.18 -8.93
N PHE A 1 9.09 12.50 12.95
CA PHE A 1 8.94 11.15 13.57
C PHE A 1 7.49 10.67 13.45
N VAL A 2 7.27 9.59 12.74
CA VAL A 2 5.90 9.07 12.57
C VAL A 2 5.82 7.57 12.89
N ASN A 3 4.64 7.09 13.17
CA ASN A 3 4.44 5.65 13.49
C ASN A 3 2.98 5.29 13.26
N GLN A 4 2.40 5.82 12.22
CA GLN A 4 0.97 5.54 11.92
C GLN A 4 0.84 4.21 11.17
N HIS A 5 -0.32 3.62 11.24
CA HIS A 5 -0.54 2.33 10.52
C HIS A 5 -0.81 2.59 9.04
N LEU A 6 -0.12 1.89 8.17
CA LEU A 6 -0.33 2.10 6.72
C LEU A 6 -1.66 1.46 6.31
N CYS A 7 -2.75 2.05 6.73
CA CYS A 7 -4.09 1.51 6.40
C CYS A 7 -5.10 2.65 6.30
N GLY A 8 -6.34 2.34 6.05
CA GLY A 8 -7.41 3.39 6.01
C GLY A 8 -7.00 4.48 5.00
N SER A 9 -7.24 5.73 5.31
CA SER A 9 -6.87 6.84 4.38
C SER A 9 -5.36 7.08 4.37
N HIS A 10 -4.70 6.83 5.46
CA HIS A 10 -3.22 7.07 5.53
C HIS A 10 -2.48 6.20 4.51
N LEU A 11 -2.93 5.00 4.29
CA LEU A 11 -2.23 4.09 3.32
C LEU A 11 -2.21 4.72 1.92
N VAL A 12 -3.31 5.29 1.50
CA VAL A 12 -3.35 5.92 0.14
C VAL A 12 -2.37 7.12 0.11
N GLU A 13 -2.44 7.97 1.10
CA GLU A 13 -1.53 9.15 1.15
C GLU A 13 -0.07 8.68 1.18
N ALA A 14 0.19 7.63 1.93
CA ALA A 14 1.58 7.10 2.03
C ALA A 14 2.11 6.68 0.66
N LEU A 15 1.31 5.98 -0.12
CA LEU A 15 1.78 5.54 -1.48
C LEU A 15 2.15 6.75 -2.34
N TYR A 16 1.37 7.80 -2.31
CA TYR A 16 1.70 9.00 -3.13
C TYR A 16 2.96 9.68 -2.59
N LEU A 17 3.10 9.75 -1.28
CA LEU A 17 4.31 10.40 -0.69
C LEU A 17 5.59 9.61 -1.00
N VAL A 18 5.56 8.31 -0.83
CA VAL A 18 6.79 7.50 -1.11
C VAL A 18 7.02 7.36 -2.62
N CYS A 19 6.05 6.84 -3.33
CA CYS A 19 6.20 6.67 -4.81
C CYS A 19 6.09 8.03 -5.49
N GLY A 20 5.00 8.71 -5.31
CA GLY A 20 4.83 10.06 -5.93
C GLY A 20 4.92 9.97 -7.45
N GLU A 21 4.61 8.84 -8.03
CA GLU A 21 4.68 8.71 -9.51
C GLU A 21 3.41 8.05 -10.06
N ARG A 22 3.08 8.28 -11.31
CA ARG A 22 1.86 7.66 -11.90
C ARG A 22 2.22 6.49 -12.81
N GLY A 23 3.49 6.18 -12.96
CA GLY A 23 3.88 5.05 -13.86
C GLY A 23 3.28 3.73 -13.38
N PHE A 24 3.31 3.45 -12.11
CA PHE A 24 2.75 2.15 -11.61
C PHE A 24 1.22 2.19 -11.48
N PHE A 25 0.55 1.24 -12.06
CA PHE A 25 -0.93 1.17 -11.96
C PHE A 25 -1.34 0.53 -10.63
N TYR A 26 -0.47 -0.28 -10.06
CA TYR A 26 -0.78 -0.99 -8.78
C TYR A 26 -2.01 -1.89 -9.00
N THR A 27 -1.84 -2.94 -9.77
CA THR A 27 -2.98 -3.85 -10.06
C THR A 27 -2.47 -5.28 -10.33
N PRO A 28 -3.03 -6.25 -9.62
CA PRO A 28 -2.60 -7.65 -9.82
C PRO A 28 -3.11 -8.17 -11.19
N LYS A 29 -2.62 -9.31 -11.63
CA LYS A 29 -3.07 -9.85 -12.95
C LYS A 29 -4.52 -10.31 -12.92
N THR A 30 -4.92 -11.03 -11.90
CA THR A 30 -6.34 -11.51 -11.83
C THR A 30 -6.71 -11.89 -10.40
N ARG A 31 -6.04 -11.32 -9.43
CA ARG A 31 -6.34 -11.64 -8.00
C ARG A 31 -7.52 -10.77 -7.51
N ARG A 32 -8.53 -11.41 -6.95
CA ARG A 32 -9.71 -10.64 -6.43
C ARG A 32 -10.31 -9.70 -7.50
N TYR A 33 -10.57 -10.22 -8.68
CA TYR A 33 -11.16 -9.36 -9.75
C TYR A 33 -12.67 -9.15 -9.50
N PRO A 34 -13.41 -10.24 -9.38
CA PRO A 34 -14.87 -10.12 -9.12
C PRO A 34 -15.13 -9.72 -7.67
N GLY A 35 -14.84 -8.49 -7.34
CA GLY A 35 -15.07 -8.02 -5.93
C GLY A 35 -14.06 -6.92 -5.61
N ASP A 36 -14.49 -5.69 -5.59
CA ASP A 36 -13.56 -4.56 -5.27
C ASP A 36 -13.35 -4.46 -3.76
N VAL A 37 -12.21 -4.89 -3.27
CA VAL A 37 -11.93 -4.83 -1.82
C VAL A 37 -10.42 -4.76 -1.59
N LYS A 38 -9.97 -5.06 -0.39
CA LYS A 38 -8.51 -4.99 -0.10
C LYS A 38 -7.79 -6.20 -0.70
N ARG A 39 -6.60 -6.00 -1.23
CA ARG A 39 -5.83 -7.13 -1.82
C ARG A 39 -5.36 -8.06 -0.71
N GLY A 40 -4.96 -7.48 0.40
CA GLY A 40 -4.47 -8.30 1.55
C GLY A 40 -3.22 -7.64 2.12
N ILE A 41 -2.46 -6.97 1.28
CA ILE A 41 -1.22 -6.29 1.77
C ILE A 41 -1.61 -5.10 2.65
N VAL A 42 -2.63 -4.37 2.25
CA VAL A 42 -3.09 -3.22 3.08
C VAL A 42 -3.61 -3.78 4.41
N GLU A 43 -4.29 -4.88 4.33
CA GLU A 43 -4.83 -5.55 5.56
C GLU A 43 -3.68 -5.93 6.49
N GLN A 44 -2.57 -6.34 5.93
CA GLN A 44 -1.40 -6.74 6.76
C GLN A 44 -0.92 -5.57 7.62
N CYS A 45 -0.91 -4.37 7.07
CA CYS A 45 -0.45 -3.19 7.87
C CYS A 45 -1.51 -2.73 8.87
N CYS A 46 -2.74 -3.18 8.71
CA CYS A 46 -3.82 -2.76 9.67
C CYS A 46 -3.59 -3.38 11.05
N THR A 47 -3.17 -4.62 11.11
CA THR A 47 -2.93 -5.28 12.43
C THR A 47 -1.65 -4.78 13.09
N SER A 48 -0.59 -4.63 12.34
CA SER A 48 0.71 -4.15 12.93
C SER A 48 1.21 -2.94 12.15
N ILE A 49 2.51 -2.70 12.15
CA ILE A 49 3.06 -1.53 11.41
C ILE A 49 4.05 -2.01 10.35
N CYS A 50 3.82 -1.66 9.11
CA CYS A 50 4.74 -2.08 8.02
C CYS A 50 5.92 -1.11 7.95
N SER A 51 7.11 -1.62 7.77
CA SER A 51 8.31 -0.73 7.71
C SER A 51 8.45 -0.06 6.34
N LEU A 52 9.22 1.00 6.27
CA LEU A 52 9.41 1.72 4.98
C LEU A 52 9.97 0.76 3.91
N TYR A 53 10.76 -0.20 4.33
CA TYR A 53 11.34 -1.17 3.36
C TYR A 53 10.23 -1.92 2.62
N GLN A 54 9.19 -2.28 3.31
CA GLN A 54 8.06 -3.01 2.64
C GLN A 54 7.39 -2.09 1.62
N LEU A 55 7.22 -0.84 1.95
CA LEU A 55 6.56 0.11 1.01
C LEU A 55 7.36 0.19 -0.30
N GLU A 56 8.66 0.28 -0.20
CA GLU A 56 9.52 0.36 -1.42
C GLU A 56 9.33 -0.88 -2.29
N ASN A 57 9.23 -2.04 -1.69
CA ASN A 57 9.07 -3.29 -2.48
C ASN A 57 7.71 -3.29 -3.19
N TYR A 58 6.66 -2.90 -2.50
CA TYR A 58 5.32 -2.86 -3.12
C TYR A 58 5.29 -1.85 -4.28
N CYS A 59 6.09 -0.83 -4.20
CA CYS A 59 6.11 0.20 -5.29
C CYS A 59 7.10 -0.19 -6.40
N ASN A 60 7.80 -1.29 -6.25
CA ASN A 60 8.76 -1.70 -7.32
C ASN A 60 7.99 -2.16 -8.57
N PHE A 1 6.84 14.37 16.85
CA PHE A 1 7.24 13.23 15.97
C PHE A 1 6.11 12.19 15.93
N VAL A 2 5.52 11.99 14.77
CA VAL A 2 4.41 11.02 14.65
C VAL A 2 4.65 10.05 13.49
N ASN A 3 3.99 8.93 13.51
CA ASN A 3 4.13 7.93 12.41
C ASN A 3 2.86 7.09 12.36
N GLN A 4 1.89 7.53 11.61
CA GLN A 4 0.60 6.80 11.52
C GLN A 4 0.71 5.62 10.56
N HIS A 5 -0.24 4.72 10.62
CA HIS A 5 -0.22 3.54 9.72
C HIS A 5 -0.66 3.96 8.31
N LEU A 6 -0.32 3.17 7.32
CA LEU A 6 -0.72 3.49 5.94
C LEU A 6 -2.10 2.89 5.66
N CYS A 7 -3.14 3.64 5.92
CA CYS A 7 -4.51 3.13 5.70
C CYS A 7 -5.45 4.28 5.31
N GLY A 8 -6.72 4.00 5.16
CA GLY A 8 -7.71 5.08 4.85
C GLY A 8 -7.23 5.85 3.60
N SER A 9 -7.42 7.14 3.58
CA SER A 9 -6.97 7.94 2.39
C SER A 9 -5.44 8.15 2.42
N HIS A 10 -4.86 8.06 3.59
CA HIS A 10 -3.37 8.25 3.71
C HIS A 10 -2.62 7.18 2.92
N LEU A 11 -3.12 5.96 2.90
CA LEU A 11 -2.42 4.87 2.15
C LEU A 11 -2.28 5.25 0.67
N VAL A 12 -3.30 5.84 0.09
CA VAL A 12 -3.22 6.22 -1.34
C VAL A 12 -2.14 7.30 -1.53
N GLU A 13 -2.19 8.35 -0.74
CA GLU A 13 -1.17 9.44 -0.88
C GLU A 13 0.24 8.90 -0.64
N ALA A 14 0.41 8.05 0.34
CA ALA A 14 1.76 7.48 0.65
C ALA A 14 2.32 6.69 -0.53
N LEU A 15 1.53 5.79 -1.07
CA LEU A 15 2.02 4.96 -2.22
C LEU A 15 2.41 5.85 -3.40
N TYR A 16 1.57 6.78 -3.77
CA TYR A 16 1.90 7.68 -4.93
C TYR A 16 3.17 8.47 -4.61
N LEU A 17 3.24 9.08 -3.46
CA LEU A 17 4.45 9.87 -3.08
C LEU A 17 5.68 8.95 -3.05
N VAL A 18 5.52 7.76 -2.53
CA VAL A 18 6.67 6.81 -2.46
C VAL A 18 7.06 6.31 -3.86
N CYS A 19 6.09 6.00 -4.68
CA CYS A 19 6.39 5.49 -6.05
C CYS A 19 6.93 6.60 -6.96
N GLY A 20 6.32 7.76 -6.94
CA GLY A 20 6.79 8.88 -7.80
C GLY A 20 6.75 8.46 -9.28
N GLU A 21 5.90 7.52 -9.61
CA GLU A 21 5.81 7.04 -11.02
C GLU A 21 4.56 7.62 -11.72
N ARG A 22 4.55 7.56 -13.03
CA ARG A 22 3.38 8.08 -13.80
C ARG A 22 2.91 6.98 -14.77
N GLY A 23 1.97 6.19 -14.34
CA GLY A 23 1.45 5.09 -15.20
C GLY A 23 1.90 3.75 -14.62
N PHE A 24 2.05 3.67 -13.31
CA PHE A 24 2.50 2.39 -12.67
C PHE A 24 1.34 1.38 -12.61
N PHE A 25 1.65 0.13 -12.86
CA PHE A 25 0.58 -0.93 -12.81
C PHE A 25 0.37 -1.40 -11.35
N TYR A 26 1.44 -1.59 -10.63
CA TYR A 26 1.34 -2.03 -9.19
C TYR A 26 0.34 -3.20 -9.02
N THR A 27 0.15 -3.99 -10.04
CA THR A 27 -0.81 -5.14 -9.92
C THR A 27 -0.12 -6.33 -9.24
N PRO A 28 -0.60 -6.69 -8.05
CA PRO A 28 0.00 -7.82 -7.31
C PRO A 28 -0.74 -9.13 -7.63
N LYS A 29 -0.27 -10.23 -7.10
CA LYS A 29 -0.94 -11.54 -7.36
C LYS A 29 -2.20 -11.68 -6.51
N THR A 30 -3.13 -10.77 -6.67
CA THR A 30 -4.39 -10.83 -5.89
C THR A 30 -5.46 -10.02 -6.62
N ARG A 31 -6.28 -10.68 -7.40
CA ARG A 31 -7.34 -9.98 -8.16
C ARG A 31 -8.54 -10.91 -8.34
N ARG A 32 -9.67 -10.37 -8.71
CA ARG A 32 -10.90 -11.20 -8.91
C ARG A 32 -11.27 -11.90 -7.59
N TYR A 33 -10.76 -11.42 -6.48
CA TYR A 33 -11.09 -12.06 -5.17
C TYR A 33 -12.42 -11.48 -4.63
N PRO A 34 -13.25 -12.32 -4.06
CA PRO A 34 -14.54 -11.84 -3.51
C PRO A 34 -14.32 -10.93 -2.30
N GLY A 35 -13.99 -9.68 -2.54
CA GLY A 35 -13.75 -8.74 -1.42
C GLY A 35 -13.04 -7.48 -1.96
N ASP A 36 -13.80 -6.53 -2.45
CA ASP A 36 -13.18 -5.29 -3.00
C ASP A 36 -12.69 -4.41 -1.84
N VAL A 37 -11.72 -3.55 -2.12
CA VAL A 37 -11.16 -2.63 -1.06
C VAL A 37 -10.45 -3.44 0.04
N LYS A 38 -11.17 -4.22 0.78
CA LYS A 38 -10.54 -5.02 1.87
C LYS A 38 -9.87 -6.27 1.30
N ARG A 39 -8.82 -6.74 1.92
CA ARG A 39 -8.12 -7.95 1.43
C ARG A 39 -7.13 -8.45 2.49
N GLY A 40 -6.43 -7.54 3.11
CA GLY A 40 -5.45 -7.93 4.16
C GLY A 40 -4.22 -7.03 4.09
N ILE A 41 -3.91 -6.50 2.94
CA ILE A 41 -2.72 -5.61 2.80
C ILE A 41 -2.87 -4.39 3.72
N VAL A 42 -4.00 -3.73 3.64
CA VAL A 42 -4.22 -2.52 4.50
C VAL A 42 -4.23 -2.90 5.99
N GLU A 43 -4.80 -4.02 6.32
CA GLU A 43 -4.84 -4.46 7.75
C GLU A 43 -3.43 -4.69 8.30
N GLN A 44 -2.54 -5.24 7.50
CA GLN A 44 -1.14 -5.50 8.01
C GLN A 44 -0.48 -4.19 8.43
N CYS A 45 -0.68 -3.14 7.67
CA CYS A 45 -0.06 -1.83 8.02
C CYS A 45 -0.94 -1.10 9.04
N CYS A 46 -2.22 -1.32 8.99
CA CYS A 46 -3.16 -0.62 9.94
C CYS A 46 -2.84 -0.97 11.39
N THR A 47 -2.86 -2.24 11.75
CA THR A 47 -2.57 -2.61 13.17
C THR A 47 -1.10 -2.39 13.51
N SER A 48 -0.23 -2.73 12.61
CA SER A 48 1.23 -2.54 12.87
C SER A 48 1.85 -1.73 11.72
N ILE A 49 2.77 -0.86 12.02
CA ILE A 49 3.40 -0.05 10.93
C ILE A 49 4.15 -0.97 9.98
N CYS A 50 3.84 -0.89 8.71
CA CYS A 50 4.54 -1.76 7.71
C CYS A 50 5.97 -1.28 7.56
N SER A 51 6.87 -2.17 7.24
CA SER A 51 8.31 -1.76 7.11
C SER A 51 8.54 -1.03 5.78
N LEU A 52 9.35 -0.01 5.82
CA LEU A 52 9.65 0.79 4.59
C LEU A 52 10.28 -0.10 3.51
N TYR A 53 11.14 -1.00 3.91
CA TYR A 53 11.82 -1.89 2.91
C TYR A 53 10.80 -2.70 2.11
N GLN A 54 9.77 -3.20 2.76
CA GLN A 54 8.74 -3.98 2.00
C GLN A 54 7.98 -3.06 1.06
N LEU A 55 7.67 -1.86 1.50
CA LEU A 55 6.94 -0.90 0.63
C LEU A 55 7.74 -0.61 -0.65
N GLU A 56 9.02 -0.40 -0.52
CA GLU A 56 9.87 -0.11 -1.71
C GLU A 56 9.82 -1.27 -2.70
N ASN A 57 9.88 -2.48 -2.21
CA ASN A 57 9.85 -3.68 -3.12
C ASN A 57 8.50 -3.78 -3.83
N TYR A 58 7.42 -3.50 -3.14
CA TYR A 58 6.07 -3.61 -3.79
C TYR A 58 5.97 -2.66 -4.99
N CYS A 59 6.51 -1.47 -4.88
CA CYS A 59 6.45 -0.52 -6.02
C CYS A 59 7.67 -0.70 -6.93
N ASN A 60 8.66 -1.45 -6.50
CA ASN A 60 9.87 -1.66 -7.37
C ASN A 60 9.50 -2.46 -8.62
N PHE A 1 10.25 13.19 13.93
CA PHE A 1 10.19 11.84 14.57
C PHE A 1 8.72 11.38 14.69
N VAL A 2 8.27 10.57 13.77
CA VAL A 2 6.87 10.09 13.81
C VAL A 2 6.83 8.56 13.66
N ASN A 3 5.75 7.96 14.06
CA ASN A 3 5.62 6.47 13.95
C ASN A 3 4.14 6.09 13.92
N GLN A 4 3.34 6.88 13.25
CA GLN A 4 1.89 6.60 13.17
C GLN A 4 1.61 5.56 12.08
N HIS A 5 0.46 4.95 12.11
CA HIS A 5 0.10 3.93 11.08
C HIS A 5 -0.32 4.63 9.78
N LEU A 6 0.06 4.10 8.65
CA LEU A 6 -0.33 4.73 7.36
C LEU A 6 -1.48 3.94 6.73
N CYS A 7 -2.68 4.45 6.85
CA CYS A 7 -3.87 3.74 6.28
C CYS A 7 -4.91 4.77 5.85
N GLY A 8 -6.13 4.35 5.60
CA GLY A 8 -7.22 5.29 5.23
C GLY A 8 -6.80 6.12 4.01
N SER A 9 -7.19 7.36 3.95
CA SER A 9 -6.82 8.22 2.79
C SER A 9 -5.34 8.62 2.83
N HIS A 10 -4.77 8.71 4.01
CA HIS A 10 -3.34 9.12 4.12
C HIS A 10 -2.42 8.10 3.42
N LEU A 11 -2.70 6.82 3.57
CA LEU A 11 -1.84 5.79 2.91
C LEU A 11 -1.86 5.96 1.39
N VAL A 12 -3.02 6.21 0.82
CA VAL A 12 -3.11 6.38 -0.67
C VAL A 12 -2.23 7.56 -1.10
N GLU A 13 -2.34 8.67 -0.41
CA GLU A 13 -1.51 9.85 -0.74
C GLU A 13 -0.03 9.50 -0.61
N ALA A 14 0.31 8.74 0.40
CA ALA A 14 1.72 8.34 0.61
C ALA A 14 2.22 7.52 -0.58
N LEU A 15 1.40 6.63 -1.10
CA LEU A 15 1.82 5.80 -2.26
C LEU A 15 2.17 6.69 -3.45
N TYR A 16 1.35 7.68 -3.72
CA TYR A 16 1.64 8.59 -4.88
C TYR A 16 2.96 9.33 -4.65
N LEU A 17 3.12 9.93 -3.51
CA LEU A 17 4.37 10.68 -3.21
C LEU A 17 5.56 9.74 -3.04
N VAL A 18 5.36 8.61 -2.39
CA VAL A 18 6.49 7.65 -2.18
C VAL A 18 6.89 7.01 -3.50
N CYS A 19 5.94 6.55 -4.28
CA CYS A 19 6.28 5.92 -5.60
C CYS A 19 6.77 6.97 -6.57
N GLY A 20 6.16 8.12 -6.57
CA GLY A 20 6.59 9.22 -7.49
C GLY A 20 6.33 8.82 -8.94
N GLU A 21 5.34 7.99 -9.19
CA GLU A 21 5.04 7.59 -10.59
C GLU A 21 3.54 7.40 -10.79
N ARG A 22 2.94 8.21 -11.62
CA ARG A 22 1.47 8.11 -11.88
C ARG A 22 1.15 6.74 -12.51
N GLY A 23 1.98 6.28 -13.41
CA GLY A 23 1.72 4.97 -14.08
C GLY A 23 2.40 3.83 -13.31
N PHE A 24 2.22 3.78 -12.01
CA PHE A 24 2.84 2.68 -11.21
C PHE A 24 2.07 1.38 -11.44
N PHE A 25 2.73 0.25 -11.37
CA PHE A 25 2.03 -1.05 -11.59
C PHE A 25 1.29 -1.45 -10.31
N TYR A 26 2.02 -1.82 -9.29
CA TYR A 26 1.43 -2.24 -7.98
C TYR A 26 0.21 -3.17 -8.17
N THR A 27 0.18 -3.90 -9.26
CA THR A 27 -0.96 -4.82 -9.51
C THR A 27 -0.71 -6.14 -8.75
N PRO A 28 -1.54 -6.43 -7.76
CA PRO A 28 -1.36 -7.67 -6.97
C PRO A 28 -2.06 -8.84 -7.67
N LYS A 29 -2.04 -10.00 -7.07
CA LYS A 29 -2.71 -11.18 -7.68
C LYS A 29 -4.21 -10.93 -7.75
N THR A 30 -4.76 -10.34 -6.71
CA THR A 30 -6.23 -10.04 -6.69
C THR A 30 -7.07 -11.25 -7.09
N ARG A 31 -6.74 -12.42 -6.58
CA ARG A 31 -7.52 -13.66 -6.89
C ARG A 31 -7.77 -13.80 -8.40
N ARG A 32 -8.65 -14.70 -8.77
CA ARG A 32 -8.97 -14.90 -10.21
C ARG A 32 -9.53 -13.61 -10.82
N TYR A 33 -10.32 -12.90 -10.06
CA TYR A 33 -10.93 -11.62 -10.57
C TYR A 33 -11.17 -10.66 -9.40
N PRO A 34 -11.09 -9.37 -9.64
CA PRO A 34 -11.28 -8.38 -8.56
C PRO A 34 -12.78 -8.18 -8.28
N GLY A 35 -13.41 -9.12 -7.63
CA GLY A 35 -14.86 -8.98 -7.31
C GLY A 35 -15.04 -7.79 -6.36
N ASP A 36 -14.06 -7.52 -5.55
CA ASP A 36 -14.16 -6.38 -4.58
C ASP A 36 -12.76 -5.89 -4.21
N VAL A 37 -12.65 -4.74 -3.58
CA VAL A 37 -11.31 -4.22 -3.20
C VAL A 37 -10.82 -4.93 -1.94
N LYS A 38 -9.76 -5.69 -2.07
CA LYS A 38 -9.21 -6.44 -0.89
C LYS A 38 -8.22 -5.57 -0.10
N ARG A 39 -8.63 -5.04 1.02
CA ARG A 39 -7.74 -4.23 1.85
C ARG A 39 -7.00 -5.12 2.86
N GLY A 40 -6.99 -6.42 2.66
CA GLY A 40 -6.30 -7.32 3.63
C GLY A 40 -4.82 -6.94 3.70
N ILE A 41 -4.22 -6.66 2.57
CA ILE A 41 -2.78 -6.27 2.56
C ILE A 41 -2.64 -4.86 3.14
N VAL A 42 -3.55 -3.97 2.82
CA VAL A 42 -3.50 -2.59 3.38
C VAL A 42 -3.80 -2.67 4.88
N GLU A 43 -4.82 -3.40 5.22
CA GLU A 43 -5.20 -3.57 6.65
C GLU A 43 -4.05 -4.21 7.45
N GLN A 44 -3.26 -5.03 6.80
CA GLN A 44 -2.13 -5.71 7.53
C GLN A 44 -1.17 -4.66 8.09
N CYS A 45 -0.89 -3.61 7.36
CA CYS A 45 0.05 -2.57 7.88
C CYS A 45 -0.66 -1.68 8.92
N CYS A 46 -1.98 -1.64 8.89
CA CYS A 46 -2.72 -0.82 9.88
C CYS A 46 -2.59 -1.45 11.27
N THR A 47 -2.66 -2.76 11.34
CA THR A 47 -2.52 -3.46 12.66
C THR A 47 -1.06 -3.44 13.12
N SER A 48 -0.15 -3.63 12.20
CA SER A 48 1.30 -3.62 12.55
C SER A 48 2.06 -2.72 11.58
N ILE A 49 3.07 -2.02 12.06
CA ILE A 49 3.83 -1.10 11.15
C ILE A 49 4.62 -1.90 10.10
N CYS A 50 4.48 -1.55 8.84
CA CYS A 50 5.21 -2.27 7.76
C CYS A 50 6.55 -1.57 7.47
N SER A 51 7.52 -2.30 6.99
CA SER A 51 8.85 -1.68 6.71
C SER A 51 8.82 -0.92 5.38
N LEU A 52 9.45 0.23 5.33
CA LEU A 52 9.49 1.03 4.08
C LEU A 52 10.15 0.24 2.95
N TYR A 53 11.11 -0.58 3.28
CA TYR A 53 11.82 -1.38 2.23
C TYR A 53 10.84 -2.28 1.48
N GLN A 54 9.95 -2.93 2.19
CA GLN A 54 8.96 -3.82 1.50
C GLN A 54 7.96 -2.99 0.70
N LEU A 55 7.53 -1.88 1.25
CA LEU A 55 6.54 -1.02 0.52
C LEU A 55 7.13 -0.56 -0.81
N GLU A 56 8.34 -0.08 -0.79
CA GLU A 56 9.00 0.39 -2.04
C GLU A 56 9.11 -0.76 -3.05
N ASN A 57 9.42 -1.93 -2.59
CA ASN A 57 9.56 -3.10 -3.51
C ASN A 57 8.23 -3.39 -4.22
N TYR A 58 7.14 -3.37 -3.51
CA TYR A 58 5.82 -3.66 -4.14
C TYR A 58 5.51 -2.65 -5.25
N CYS A 59 5.84 -1.41 -5.02
CA CYS A 59 5.56 -0.35 -6.05
C CYS A 59 6.74 -0.22 -7.01
N ASN A 60 7.88 -0.74 -6.66
CA ASN A 60 9.06 -0.64 -7.57
C ASN A 60 8.88 -1.56 -8.78
N PHE A 1 9.80 13.30 11.52
CA PHE A 1 9.64 12.21 12.53
C PHE A 1 8.18 11.81 12.65
N VAL A 2 7.75 10.83 11.90
CA VAL A 2 6.35 10.38 11.95
C VAL A 2 6.29 8.86 12.11
N ASN A 3 5.18 8.34 12.57
CA ASN A 3 5.05 6.86 12.78
C ASN A 3 3.59 6.45 12.74
N GLN A 4 2.84 7.03 11.83
CA GLN A 4 1.38 6.69 11.72
C GLN A 4 1.22 5.40 10.92
N HIS A 5 0.10 4.75 11.07
CA HIS A 5 -0.14 3.48 10.30
C HIS A 5 -0.51 3.82 8.85
N LEU A 6 0.16 3.21 7.90
CA LEU A 6 -0.16 3.49 6.48
C LEU A 6 -1.33 2.62 6.04
N CYS A 7 -2.53 3.07 6.30
CA CYS A 7 -3.74 2.28 5.91
C CYS A 7 -4.90 3.25 5.63
N GLY A 8 -6.05 2.74 5.28
CA GLY A 8 -7.24 3.61 5.05
C GLY A 8 -6.87 4.69 4.00
N SER A 9 -7.29 5.91 4.20
CA SER A 9 -6.96 6.99 3.21
C SER A 9 -5.48 7.41 3.35
N HIS A 10 -4.91 7.23 4.51
CA HIS A 10 -3.47 7.63 4.72
C HIS A 10 -2.55 6.82 3.81
N LEU A 11 -2.84 5.56 3.61
CA LEU A 11 -1.97 4.70 2.76
C LEU A 11 -1.87 5.25 1.33
N VAL A 12 -2.99 5.55 0.72
CA VAL A 12 -2.96 6.08 -0.68
C VAL A 12 -2.22 7.42 -0.71
N GLU A 13 -2.58 8.31 0.18
CA GLU A 13 -1.93 9.66 0.21
C GLU A 13 -0.42 9.53 0.43
N ALA A 14 -0.02 8.65 1.32
CA ALA A 14 1.43 8.47 1.61
C ALA A 14 2.18 7.91 0.39
N LEU A 15 1.59 6.97 -0.31
CA LEU A 15 2.27 6.37 -1.50
C LEU A 15 2.56 7.44 -2.57
N TYR A 16 1.58 8.23 -2.90
CA TYR A 16 1.79 9.30 -3.94
C TYR A 16 2.89 10.28 -3.50
N LEU A 17 2.80 10.78 -2.30
CA LEU A 17 3.80 11.77 -1.81
C LEU A 17 5.19 11.14 -1.63
N VAL A 18 5.26 9.94 -1.12
CA VAL A 18 6.60 9.29 -0.91
C VAL A 18 7.20 8.87 -2.25
N CYS A 19 6.51 8.03 -2.98
CA CYS A 19 7.03 7.57 -4.30
C CYS A 19 6.79 8.63 -5.37
N GLY A 20 5.55 8.95 -5.65
CA GLY A 20 5.24 9.98 -6.67
C GLY A 20 5.57 9.45 -8.08
N GLU A 21 5.47 8.16 -8.28
CA GLU A 21 5.78 7.60 -9.62
C GLU A 21 4.74 6.54 -10.01
N ARG A 22 4.55 6.33 -11.28
CA ARG A 22 3.57 5.30 -11.74
C ARG A 22 4.26 4.00 -12.14
N GLY A 23 5.54 3.87 -11.85
CA GLY A 23 6.27 2.61 -12.22
C GLY A 23 5.61 1.41 -11.55
N PHE A 24 5.33 1.52 -10.27
CA PHE A 24 4.68 0.38 -9.55
C PHE A 24 3.18 0.37 -9.84
N PHE A 25 2.67 -0.73 -10.33
CA PHE A 25 1.22 -0.83 -10.66
C PHE A 25 0.38 -1.15 -9.41
N TYR A 26 0.99 -1.60 -8.35
CA TYR A 26 0.23 -1.94 -7.10
C TYR A 26 -0.99 -2.82 -7.42
N THR A 27 -0.76 -4.08 -7.72
CA THR A 27 -1.89 -4.98 -8.06
C THR A 27 -1.52 -6.44 -7.73
N PRO A 28 -2.49 -7.22 -7.28
CA PRO A 28 -2.20 -8.64 -6.95
C PRO A 28 -1.87 -9.43 -8.22
N LYS A 29 -1.81 -10.73 -8.11
CA LYS A 29 -1.47 -11.56 -9.30
C LYS A 29 -2.58 -11.56 -10.36
N THR A 30 -3.83 -11.52 -9.95
CA THR A 30 -4.95 -11.52 -10.94
C THR A 30 -6.24 -10.97 -10.30
N ARG A 31 -7.02 -11.81 -9.64
CA ARG A 31 -8.30 -11.35 -9.01
C ARG A 31 -9.18 -10.58 -9.99
N ARG A 32 -9.26 -11.04 -11.22
CA ARG A 32 -10.12 -10.36 -12.23
C ARG A 32 -11.57 -10.81 -12.06
N TYR A 33 -12.24 -10.29 -11.07
CA TYR A 33 -13.66 -10.69 -10.82
C TYR A 33 -14.45 -9.51 -10.23
N PRO A 34 -15.73 -9.49 -10.49
CA PRO A 34 -16.58 -8.39 -9.97
C PRO A 34 -17.01 -8.67 -8.52
N GLY A 35 -17.01 -7.67 -7.69
CA GLY A 35 -17.43 -7.87 -6.27
C GLY A 35 -16.23 -8.27 -5.39
N ASP A 36 -15.02 -7.98 -5.84
CA ASP A 36 -13.83 -8.36 -5.02
C ASP A 36 -13.63 -7.37 -3.87
N VAL A 37 -13.08 -7.82 -2.77
CA VAL A 37 -12.83 -6.93 -1.61
C VAL A 37 -11.68 -7.51 -0.78
N LYS A 38 -10.50 -7.50 -1.32
CA LYS A 38 -9.32 -8.05 -0.59
C LYS A 38 -8.02 -7.50 -1.19
N ARG A 39 -6.94 -7.50 -0.44
CA ARG A 39 -5.65 -6.99 -0.96
C ARG A 39 -4.48 -7.63 -0.19
N GLY A 40 -4.60 -7.70 1.11
CA GLY A 40 -3.51 -8.32 1.93
C GLY A 40 -2.51 -7.24 2.36
N ILE A 41 -2.09 -6.41 1.44
CA ILE A 41 -1.10 -5.34 1.80
C ILE A 41 -1.71 -4.39 2.83
N VAL A 42 -2.93 -3.96 2.60
CA VAL A 42 -3.60 -3.04 3.57
C VAL A 42 -3.72 -3.73 4.93
N GLU A 43 -4.08 -4.99 4.93
CA GLU A 43 -4.20 -5.75 6.21
C GLU A 43 -2.84 -5.78 6.94
N GLN A 44 -1.78 -5.95 6.19
CA GLN A 44 -0.42 -6.02 6.82
C GLN A 44 -0.09 -4.72 7.57
N CYS A 45 -0.35 -3.58 6.98
CA CYS A 45 -0.03 -2.28 7.66
C CYS A 45 -1.13 -1.89 8.66
N CYS A 46 -2.35 -2.30 8.41
CA CYS A 46 -3.47 -1.95 9.35
C CYS A 46 -3.23 -2.59 10.73
N THR A 47 -2.77 -3.81 10.74
CA THR A 47 -2.52 -4.50 12.05
C THR A 47 -1.27 -3.93 12.73
N SER A 48 -0.19 -3.82 12.00
CA SER A 48 1.07 -3.27 12.58
C SER A 48 1.62 -2.17 11.68
N ILE A 49 2.48 -1.33 12.19
CA ILE A 49 3.04 -0.22 11.36
C ILE A 49 4.03 -0.78 10.34
N CYS A 50 3.79 -0.55 9.07
CA CYS A 50 4.72 -1.07 8.02
C CYS A 50 6.01 -0.24 8.01
N SER A 51 7.13 -0.89 7.83
CA SER A 51 8.43 -0.16 7.82
C SER A 51 8.69 0.49 6.46
N LEU A 52 9.64 1.38 6.40
CA LEU A 52 9.96 2.07 5.13
C LEU A 52 10.36 1.04 4.06
N TYR A 53 11.08 0.02 4.46
CA TYR A 53 11.51 -1.03 3.49
C TYR A 53 10.30 -1.69 2.82
N GLN A 54 9.25 -1.95 3.56
CA GLN A 54 8.05 -2.58 2.93
C GLN A 54 7.43 -1.61 1.93
N LEU A 55 7.39 -0.34 2.26
CA LEU A 55 6.80 0.66 1.32
C LEU A 55 7.63 0.68 0.03
N GLU A 56 8.93 0.58 0.15
CA GLU A 56 9.81 0.56 -1.06
C GLU A 56 9.45 -0.63 -1.94
N ASN A 57 9.16 -1.75 -1.34
CA ASN A 57 8.80 -2.97 -2.14
C ASN A 57 7.56 -2.69 -2.98
N TYR A 58 6.56 -2.07 -2.40
CA TYR A 58 5.32 -1.76 -3.18
C TYR A 58 5.64 -0.86 -4.36
N CYS A 59 6.56 0.06 -4.19
CA CYS A 59 6.91 1.00 -5.29
C CYS A 59 8.02 0.42 -6.18
N ASN A 60 8.51 -0.76 -5.88
CA ASN A 60 9.60 -1.35 -6.73
C ASN A 60 9.02 -1.77 -8.09
N PHE A 1 7.66 11.81 19.88
CA PHE A 1 7.90 10.80 18.81
C PHE A 1 6.60 10.05 18.49
N VAL A 2 6.11 10.16 17.28
CA VAL A 2 4.86 9.48 16.90
C VAL A 2 5.06 8.69 15.60
N ASN A 3 4.21 7.73 15.35
CA ASN A 3 4.32 6.93 14.10
C ASN A 3 2.96 6.34 13.77
N GLN A 4 2.20 7.03 12.96
CA GLN A 4 0.84 6.55 12.60
C GLN A 4 0.91 5.48 11.52
N HIS A 5 -0.12 4.68 11.40
CA HIS A 5 -0.14 3.61 10.37
C HIS A 5 -0.53 4.21 9.00
N LEU A 6 0.01 3.67 7.94
CA LEU A 6 -0.34 4.20 6.59
C LEU A 6 -1.63 3.56 6.08
N CYS A 7 -2.75 4.16 6.39
CA CYS A 7 -4.07 3.62 5.95
C CYS A 7 -5.05 4.77 5.75
N GLY A 8 -6.21 4.49 5.22
CA GLY A 8 -7.25 5.56 5.04
C GLY A 8 -6.65 6.71 4.23
N SER A 9 -6.71 7.92 4.74
CA SER A 9 -6.15 9.09 4.01
C SER A 9 -4.61 9.10 4.07
N HIS A 10 -4.05 8.59 5.14
CA HIS A 10 -2.56 8.58 5.28
C HIS A 10 -1.89 7.69 4.22
N LEU A 11 -2.46 6.56 3.92
CA LEU A 11 -1.85 5.65 2.91
C LEU A 11 -1.72 6.35 1.54
N VAL A 12 -2.77 6.97 1.08
CA VAL A 12 -2.71 7.66 -0.25
C VAL A 12 -1.67 8.79 -0.20
N GLU A 13 -1.75 9.63 0.79
CA GLU A 13 -0.77 10.75 0.91
C GLU A 13 0.66 10.23 1.04
N ALA A 14 0.86 9.25 1.88
CA ALA A 14 2.24 8.71 2.09
C ALA A 14 2.83 8.13 0.80
N LEU A 15 2.07 7.33 0.09
CA LEU A 15 2.60 6.71 -1.16
C LEU A 15 3.00 7.79 -2.17
N TYR A 16 2.20 8.81 -2.33
CA TYR A 16 2.56 9.90 -3.29
C TYR A 16 3.85 10.59 -2.85
N LEU A 17 4.00 10.86 -1.58
CA LEU A 17 5.23 11.54 -1.09
C LEU A 17 6.44 10.62 -1.23
N VAL A 18 6.28 9.36 -0.93
CA VAL A 18 7.42 8.40 -1.03
C VAL A 18 7.67 7.97 -2.48
N CYS A 19 6.72 7.31 -3.08
CA CYS A 19 6.89 6.85 -4.49
C CYS A 19 6.63 7.99 -5.48
N GLY A 20 5.40 8.42 -5.60
CA GLY A 20 5.08 9.53 -6.53
C GLY A 20 5.37 9.11 -7.98
N GLU A 21 5.47 7.84 -8.25
CA GLU A 21 5.74 7.38 -9.64
C GLU A 21 4.55 6.57 -10.16
N ARG A 22 4.24 6.72 -11.43
CA ARG A 22 3.08 5.98 -12.02
C ARG A 22 3.29 4.46 -12.00
N GLY A 23 4.51 4.01 -11.91
CA GLY A 23 4.80 2.55 -11.91
C GLY A 23 3.98 1.80 -10.84
N PHE A 24 3.51 2.48 -9.83
CA PHE A 24 2.73 1.78 -8.76
C PHE A 24 1.32 1.37 -9.23
N PHE A 25 1.22 0.31 -10.00
CA PHE A 25 -0.11 -0.15 -10.48
C PHE A 25 -0.90 -0.72 -9.29
N TYR A 26 -0.22 -1.46 -8.43
CA TYR A 26 -0.88 -2.06 -7.24
C TYR A 26 -2.08 -2.93 -7.64
N THR A 27 -2.13 -3.38 -8.87
CA THR A 27 -3.25 -4.24 -9.31
C THR A 27 -2.99 -5.70 -8.88
N PRO A 28 -4.02 -6.36 -8.39
CA PRO A 28 -3.86 -7.78 -7.94
C PRO A 28 -3.61 -8.71 -9.14
N LYS A 29 -3.30 -9.95 -8.86
CA LYS A 29 -3.05 -10.92 -9.97
C LYS A 29 -4.35 -11.24 -10.71
N THR A 30 -5.49 -11.06 -10.08
CA THR A 30 -6.80 -11.34 -10.75
C THR A 30 -6.82 -12.72 -11.41
N ARG A 31 -6.45 -13.74 -10.67
CA ARG A 31 -6.45 -15.11 -11.25
C ARG A 31 -7.89 -15.60 -11.48
N ARG A 32 -8.79 -15.31 -10.56
CA ARG A 32 -10.21 -15.72 -10.74
C ARG A 32 -11.11 -15.05 -9.70
N TYR A 33 -10.77 -13.85 -9.28
CA TYR A 33 -11.63 -13.16 -8.26
C TYR A 33 -11.39 -11.64 -8.27
N PRO A 34 -12.06 -10.94 -9.18
CA PRO A 34 -11.91 -9.47 -9.26
C PRO A 34 -12.78 -8.81 -8.19
N GLY A 35 -12.49 -9.05 -6.93
CA GLY A 35 -13.30 -8.46 -5.82
C GLY A 35 -12.90 -7.01 -5.56
N ASP A 36 -11.68 -6.64 -5.87
CA ASP A 36 -11.22 -5.22 -5.62
C ASP A 36 -11.48 -4.81 -4.16
N VAL A 37 -11.20 -3.57 -3.83
CA VAL A 37 -11.41 -3.06 -2.43
C VAL A 37 -10.63 -3.89 -1.40
N LYS A 38 -11.13 -5.03 -1.01
CA LYS A 38 -10.41 -5.87 -0.01
C LYS A 38 -9.24 -6.60 -0.69
N ARG A 39 -8.15 -5.92 -0.88
CA ARG A 39 -6.97 -6.54 -1.53
C ARG A 39 -6.31 -7.51 -0.55
N GLY A 40 -6.34 -7.17 0.71
CA GLY A 40 -5.73 -8.05 1.76
C GLY A 40 -4.37 -7.51 2.18
N ILE A 41 -3.51 -7.23 1.22
CA ILE A 41 -2.15 -6.71 1.57
C ILE A 41 -2.25 -5.27 2.09
N VAL A 42 -3.20 -4.51 1.64
CA VAL A 42 -3.34 -3.10 2.13
C VAL A 42 -3.58 -3.10 3.65
N GLU A 43 -4.44 -3.96 4.12
CA GLU A 43 -4.72 -4.03 5.59
C GLU A 43 -3.47 -4.40 6.39
N GLN A 44 -2.51 -5.04 5.75
CA GLN A 44 -1.28 -5.47 6.48
C GLN A 44 -0.53 -4.26 7.07
N CYS A 45 -0.42 -3.18 6.33
CA CYS A 45 0.31 -1.98 6.88
C CYS A 45 -0.61 -1.15 7.77
N CYS A 46 -1.91 -1.33 7.66
CA CYS A 46 -2.86 -0.54 8.51
C CYS A 46 -2.79 -0.99 9.97
N THR A 47 -2.64 -2.27 10.21
CA THR A 47 -2.60 -2.78 11.61
C THR A 47 -1.25 -2.46 12.29
N SER A 48 -0.22 -2.24 11.52
CA SER A 48 1.11 -1.93 12.12
C SER A 48 1.83 -0.85 11.31
N ILE A 49 3.13 -0.78 11.43
CA ILE A 49 3.91 0.25 10.68
C ILE A 49 4.81 -0.46 9.66
N CYS A 50 4.73 -0.08 8.41
CA CYS A 50 5.57 -0.73 7.37
C CYS A 50 6.85 0.08 7.13
N SER A 51 7.96 -0.59 6.98
CA SER A 51 9.26 0.12 6.76
C SER A 51 9.41 0.57 5.31
N LEU A 52 10.38 1.42 5.05
CA LEU A 52 10.60 1.91 3.65
C LEU A 52 10.89 0.72 2.73
N TYR A 53 11.62 -0.25 3.21
CA TYR A 53 11.96 -1.45 2.38
C TYR A 53 10.67 -2.11 1.90
N GLN A 54 9.71 -2.25 2.75
CA GLN A 54 8.42 -2.87 2.34
C GLN A 54 7.73 -1.94 1.34
N LEU A 55 7.78 -0.65 1.58
CA LEU A 55 7.16 0.33 0.64
C LEU A 55 7.80 0.18 -0.75
N GLU A 56 9.10 0.01 -0.79
CA GLU A 56 9.80 -0.16 -2.09
C GLU A 56 9.27 -1.38 -2.84
N ASN A 57 9.01 -2.45 -2.12
CA ASN A 57 8.50 -3.69 -2.78
C ASN A 57 7.12 -3.43 -3.40
N TYR A 58 6.29 -2.69 -2.72
CA TYR A 58 4.92 -2.41 -3.26
C TYR A 58 4.98 -1.52 -4.50
N CYS A 59 5.91 -0.60 -4.55
CA CYS A 59 6.02 0.30 -5.74
C CYS A 59 6.91 -0.33 -6.82
N ASN A 60 7.49 -1.47 -6.56
CA ASN A 60 8.36 -2.13 -7.58
C ASN A 60 7.51 -2.63 -8.76
N PHE A 1 8.06 9.58 20.22
CA PHE A 1 8.08 9.27 18.77
C PHE A 1 6.88 8.38 18.41
N VAL A 2 6.31 8.56 17.23
CA VAL A 2 5.15 7.75 16.82
C VAL A 2 5.36 7.16 15.42
N ASN A 3 4.60 6.15 15.11
CA ASN A 3 4.70 5.50 13.77
C ASN A 3 3.34 4.87 13.45
N GLN A 4 2.50 5.61 12.77
CA GLN A 4 1.13 5.10 12.45
C GLN A 4 1.16 4.15 11.26
N HIS A 5 0.07 3.43 11.05
CA HIS A 5 -0.01 2.46 9.92
C HIS A 5 -0.20 3.20 8.60
N LEU A 6 0.10 2.54 7.50
CA LEU A 6 -0.06 3.17 6.16
C LEU A 6 -1.40 2.75 5.56
N CYS A 7 -2.45 3.47 5.85
CA CYS A 7 -3.79 3.12 5.30
C CYS A 7 -4.64 4.38 5.14
N GLY A 8 -5.90 4.20 4.80
CA GLY A 8 -6.83 5.36 4.68
C GLY A 8 -6.25 6.39 3.71
N SER A 9 -6.35 7.66 4.03
CA SER A 9 -5.81 8.72 3.12
C SER A 9 -4.28 8.78 3.18
N HIS A 10 -3.71 8.45 4.32
CA HIS A 10 -2.21 8.51 4.46
C HIS A 10 -1.51 7.54 3.50
N LEU A 11 -2.06 6.37 3.31
CA LEU A 11 -1.39 5.38 2.40
C LEU A 11 -1.25 5.94 0.98
N VAL A 12 -2.30 6.49 0.43
CA VAL A 12 -2.22 7.06 -0.95
C VAL A 12 -1.16 8.16 -0.99
N GLU A 13 -1.22 9.08 -0.07
CA GLU A 13 -0.21 10.19 -0.04
C GLU A 13 1.19 9.62 0.14
N ALA A 14 1.32 8.63 0.99
CA ALA A 14 2.66 8.02 1.24
C ALA A 14 3.20 7.35 -0.04
N LEU A 15 2.36 6.66 -0.75
CA LEU A 15 2.83 5.98 -2.00
C LEU A 15 3.35 7.01 -3.01
N TYR A 16 2.61 8.07 -3.23
CA TYR A 16 3.08 9.11 -4.21
C TYR A 16 4.42 9.70 -3.75
N LEU A 17 4.54 9.99 -2.48
CA LEU A 17 5.80 10.60 -1.96
C LEU A 17 6.99 9.65 -2.08
N VAL A 18 6.79 8.37 -1.83
CA VAL A 18 7.93 7.41 -1.91
C VAL A 18 8.32 7.15 -3.37
N CYS A 19 7.39 6.73 -4.18
CA CYS A 19 7.71 6.45 -5.62
C CYS A 19 7.88 7.75 -6.41
N GLY A 20 6.97 8.68 -6.25
CA GLY A 20 7.07 9.97 -6.98
C GLY A 20 6.59 9.82 -8.44
N GLU A 21 6.03 8.69 -8.79
CA GLU A 21 5.55 8.49 -10.20
C GLU A 21 4.28 7.62 -10.23
N ARG A 22 3.52 7.73 -11.28
CA ARG A 22 2.27 6.92 -11.41
C ARG A 22 2.40 5.93 -12.57
N GLY A 23 3.60 5.53 -12.90
CA GLY A 23 3.82 4.58 -14.03
C GLY A 23 3.23 3.20 -13.67
N PHE A 24 3.34 2.79 -12.44
CA PHE A 24 2.81 1.43 -12.05
C PHE A 24 1.27 1.45 -11.99
N PHE A 25 0.65 0.37 -12.38
CA PHE A 25 -0.83 0.28 -12.35
C PHE A 25 -1.34 -0.05 -10.95
N TYR A 26 -0.46 -0.43 -10.05
CA TYR A 26 -0.89 -0.79 -8.65
C TYR A 26 -1.96 -1.88 -8.70
N THR A 27 -1.55 -3.13 -8.73
CA THR A 27 -2.53 -4.25 -8.76
C THR A 27 -2.05 -5.41 -7.88
N PRO A 28 -2.98 -6.26 -7.50
CA PRO A 28 -2.64 -7.42 -6.64
C PRO A 28 -1.87 -8.49 -7.43
N LYS A 29 -0.59 -8.58 -7.23
CA LYS A 29 0.22 -9.60 -7.96
C LYS A 29 -0.11 -11.02 -7.46
N THR A 30 -0.70 -11.13 -6.30
CA THR A 30 -1.02 -12.48 -5.76
C THR A 30 -2.21 -12.37 -4.78
N ARG A 31 -3.38 -12.71 -5.23
CA ARG A 31 -4.59 -12.67 -4.37
C ARG A 31 -5.56 -13.77 -4.77
N ARG A 32 -6.33 -14.25 -3.82
CA ARG A 32 -7.30 -15.36 -4.12
C ARG A 32 -8.32 -14.93 -5.18
N TYR A 33 -8.80 -13.71 -5.12
CA TYR A 33 -9.81 -13.23 -6.11
C TYR A 33 -9.72 -11.70 -6.27
N PRO A 34 -8.90 -11.26 -7.20
CA PRO A 34 -8.74 -9.80 -7.42
C PRO A 34 -9.93 -9.27 -8.23
N GLY A 35 -9.93 -7.99 -8.53
CA GLY A 35 -11.04 -7.39 -9.32
C GLY A 35 -12.04 -6.71 -8.39
N ASP A 36 -12.09 -5.40 -8.42
CA ASP A 36 -13.05 -4.65 -7.55
C ASP A 36 -12.94 -5.12 -6.09
N VAL A 37 -11.74 -5.17 -5.58
CA VAL A 37 -11.54 -5.62 -4.17
C VAL A 37 -11.95 -4.52 -3.19
N LYS A 38 -12.42 -4.90 -2.04
CA LYS A 38 -12.84 -3.89 -1.02
C LYS A 38 -11.60 -3.18 -0.47
N ARG A 39 -10.53 -3.91 -0.31
CA ARG A 39 -9.26 -3.31 0.19
C ARG A 39 -8.11 -4.19 -0.28
N GLY A 40 -8.09 -5.43 0.12
CA GLY A 40 -7.02 -6.37 -0.32
C GLY A 40 -5.64 -5.81 0.04
N ILE A 41 -5.08 -5.02 -0.84
CA ILE A 41 -3.74 -4.42 -0.58
C ILE A 41 -3.82 -3.48 0.63
N VAL A 42 -4.89 -2.72 0.71
CA VAL A 42 -5.05 -1.78 1.86
C VAL A 42 -5.14 -2.55 3.18
N GLU A 43 -5.94 -3.59 3.22
CA GLU A 43 -6.10 -4.38 4.48
C GLU A 43 -4.76 -5.00 4.90
N GLN A 44 -3.90 -5.30 3.98
CA GLN A 44 -2.58 -5.93 4.33
C GLN A 44 -1.77 -5.04 5.28
N CYS A 45 -1.60 -3.78 4.95
CA CYS A 45 -0.82 -2.87 5.83
C CYS A 45 -1.70 -2.26 6.93
N CYS A 46 -3.00 -2.40 6.85
CA CYS A 46 -3.90 -1.82 7.89
C CYS A 46 -3.75 -2.57 9.23
N THR A 47 -3.73 -3.88 9.20
CA THR A 47 -3.60 -4.66 10.47
C THR A 47 -2.17 -4.58 11.02
N SER A 48 -1.19 -4.70 10.17
CA SER A 48 0.23 -4.64 10.64
C SER A 48 0.88 -3.33 10.18
N ILE A 49 2.17 -3.24 10.28
CA ILE A 49 2.88 -2.00 9.84
C ILE A 49 3.86 -2.34 8.71
N CYS A 50 3.72 -1.70 7.58
CA CYS A 50 4.62 -1.99 6.44
C CYS A 50 5.77 -0.98 6.41
N SER A 51 6.99 -1.46 6.33
CA SER A 51 8.16 -0.53 6.32
C SER A 51 8.36 0.06 4.92
N LEU A 52 9.14 1.11 4.81
CA LEU A 52 9.38 1.75 3.49
C LEU A 52 10.00 0.73 2.52
N TYR A 53 10.88 -0.11 3.01
CA TYR A 53 11.54 -1.12 2.12
C TYR A 53 10.49 -2.00 1.43
N GLN A 54 9.49 -2.41 2.15
CA GLN A 54 8.42 -3.26 1.53
C GLN A 54 7.64 -2.40 0.53
N LEU A 55 7.40 -1.16 0.87
CA LEU A 55 6.66 -0.25 -0.07
C LEU A 55 7.45 -0.13 -1.38
N GLU A 56 8.75 0.00 -1.27
CA GLU A 56 9.61 0.10 -2.50
C GLU A 56 9.45 -1.15 -3.36
N ASN A 57 9.37 -2.30 -2.74
CA ASN A 57 9.24 -3.57 -3.51
C ASN A 57 7.95 -3.53 -4.35
N TYR A 58 6.86 -3.13 -3.76
CA TYR A 58 5.58 -3.05 -4.53
C TYR A 58 5.72 -2.04 -5.67
N CYS A 59 6.58 -1.08 -5.52
CA CYS A 59 6.77 -0.05 -6.58
C CYS A 59 7.84 -0.52 -7.59
N ASN A 60 7.59 -1.63 -8.22
CA ASN A 60 8.58 -2.15 -9.23
C ASN A 60 8.66 -1.22 -10.44
N PHE A 1 8.12 14.85 16.15
CA PHE A 1 8.33 13.76 15.15
C PHE A 1 7.21 12.72 15.27
N VAL A 2 6.40 12.57 14.25
CA VAL A 2 5.30 11.60 14.28
C VAL A 2 5.32 10.72 13.03
N ASN A 3 4.69 9.59 13.09
CA ASN A 3 4.65 8.66 11.93
C ASN A 3 3.43 7.76 12.08
N GLN A 4 2.36 8.10 11.42
CA GLN A 4 1.11 7.30 11.53
C GLN A 4 1.17 6.05 10.66
N HIS A 5 0.29 5.12 10.91
CA HIS A 5 0.28 3.85 10.10
C HIS A 5 -0.29 4.10 8.71
N LEU A 6 0.24 3.44 7.71
CA LEU A 6 -0.28 3.65 6.33
C LEU A 6 -1.63 2.95 6.18
N CYS A 7 -2.69 3.62 6.56
CA CYS A 7 -4.05 3.01 6.45
C CYS A 7 -5.09 4.12 6.23
N GLY A 8 -6.32 3.74 6.01
CA GLY A 8 -7.41 4.75 5.83
C GLY A 8 -7.01 5.75 4.73
N SER A 9 -7.12 7.02 4.98
CA SER A 9 -6.74 8.03 3.93
C SER A 9 -5.21 8.16 3.80
N HIS A 10 -4.50 7.93 4.88
CA HIS A 10 -3.01 8.06 4.83
C HIS A 10 -2.39 7.03 3.89
N LEU A 11 -2.93 5.83 3.83
CA LEU A 11 -2.34 4.79 2.92
C LEU A 11 -2.37 5.27 1.46
N VAL A 12 -3.47 5.85 1.03
CA VAL A 12 -3.55 6.33 -0.38
C VAL A 12 -2.50 7.43 -0.61
N GLU A 13 -2.38 8.35 0.31
CA GLU A 13 -1.38 9.45 0.16
C GLU A 13 0.04 8.87 0.06
N ALA A 14 0.35 7.90 0.89
CA ALA A 14 1.72 7.30 0.87
C ALA A 14 2.01 6.60 -0.47
N LEU A 15 1.03 5.91 -1.01
CA LEU A 15 1.25 5.19 -2.31
C LEU A 15 1.65 6.18 -3.40
N TYR A 16 0.94 7.28 -3.50
CA TYR A 16 1.28 8.29 -4.55
C TYR A 16 2.72 8.79 -4.35
N LEU A 17 3.04 9.19 -3.15
CA LEU A 17 4.42 9.70 -2.84
C LEU A 17 5.49 8.66 -3.16
N VAL A 18 5.27 7.43 -2.75
CA VAL A 18 6.29 6.36 -3.00
C VAL A 18 6.39 6.02 -4.49
N CYS A 19 5.27 5.96 -5.18
CA CYS A 19 5.32 5.59 -6.63
C CYS A 19 5.98 6.71 -7.45
N GLY A 20 5.69 7.95 -7.15
CA GLY A 20 6.31 9.09 -7.90
C GLY A 20 6.15 8.89 -9.41
N GLU A 21 4.99 8.46 -9.85
CA GLU A 21 4.78 8.24 -11.31
C GLU A 21 3.33 8.55 -11.70
N ARG A 22 3.09 8.85 -12.95
CA ARG A 22 1.70 9.16 -13.40
C ARG A 22 0.98 7.85 -13.76
N GLY A 23 0.73 7.03 -12.78
CA GLY A 23 0.04 5.74 -13.03
C GLY A 23 0.23 4.82 -11.82
N PHE A 24 0.04 5.33 -10.64
CA PHE A 24 0.21 4.50 -9.40
C PHE A 24 -1.03 3.61 -9.20
N PHE A 25 -0.89 2.52 -8.50
CA PHE A 25 -2.05 1.61 -8.26
C PHE A 25 -1.79 0.71 -7.05
N TYR A 26 -0.58 0.20 -6.92
CA TYR A 26 -0.24 -0.69 -5.77
C TYR A 26 -1.20 -1.87 -5.69
N THR A 27 -1.02 -2.84 -6.55
CA THR A 27 -1.89 -4.05 -6.53
C THR A 27 -1.07 -5.29 -6.92
N PRO A 28 -1.54 -6.45 -6.53
CA PRO A 28 -0.81 -7.70 -6.85
C PRO A 28 -1.08 -8.13 -8.29
N LYS A 29 -0.71 -9.34 -8.64
CA LYS A 29 -0.95 -9.84 -10.02
C LYS A 29 -2.46 -9.97 -10.28
N THR A 30 -3.20 -10.37 -9.27
CA THR A 30 -4.69 -10.53 -9.43
C THR A 30 -5.01 -11.54 -10.51
N ARG A 31 -5.04 -12.81 -10.16
CA ARG A 31 -5.36 -13.87 -11.16
C ARG A 31 -6.84 -13.79 -11.56
N ARG A 32 -7.71 -13.54 -10.60
CA ARG A 32 -9.17 -13.43 -10.93
C ARG A 32 -9.86 -12.36 -10.07
N TYR A 33 -10.32 -12.70 -8.88
CA TYR A 33 -11.02 -11.70 -8.02
C TYR A 33 -10.79 -12.02 -6.52
N PRO A 34 -9.83 -11.36 -5.91
CA PRO A 34 -9.56 -11.60 -4.48
C PRO A 34 -10.44 -10.68 -3.62
N GLY A 35 -11.75 -10.84 -3.72
CA GLY A 35 -12.67 -9.97 -2.91
C GLY A 35 -13.04 -10.68 -1.60
N ASP A 36 -12.24 -11.62 -1.15
CA ASP A 36 -12.56 -12.33 0.13
C ASP A 36 -12.15 -11.47 1.33
N VAL A 37 -13.11 -11.04 2.11
CA VAL A 37 -12.81 -10.19 3.32
C VAL A 37 -11.98 -8.95 2.94
N LYS A 38 -10.67 -9.07 2.88
CA LYS A 38 -9.83 -7.89 2.53
C LYS A 38 -8.60 -8.34 1.73
N ARG A 39 -7.82 -7.40 1.24
CA ARG A 39 -6.61 -7.76 0.45
C ARG A 39 -5.59 -8.44 1.36
N GLY A 40 -5.44 -7.95 2.56
CA GLY A 40 -4.46 -8.56 3.50
C GLY A 40 -3.28 -7.62 3.69
N ILE A 41 -2.74 -7.11 2.61
CA ILE A 41 -1.57 -6.17 2.71
C ILE A 41 -1.95 -4.95 3.55
N VAL A 42 -3.06 -4.31 3.23
CA VAL A 42 -3.49 -3.11 4.00
C VAL A 42 -3.71 -3.50 5.47
N GLU A 43 -4.32 -4.64 5.71
CA GLU A 43 -4.56 -5.08 7.12
C GLU A 43 -3.22 -5.25 7.85
N GLN A 44 -2.23 -5.79 7.17
CA GLN A 44 -0.89 -6.00 7.81
C GLN A 44 -0.24 -4.65 8.16
N CYS A 45 -0.36 -3.67 7.30
CA CYS A 45 0.26 -2.34 7.60
C CYS A 45 -0.56 -1.63 8.69
N CYS A 46 -1.82 -1.97 8.83
CA CYS A 46 -2.65 -1.33 9.88
C CYS A 46 -2.19 -1.85 11.25
N THR A 47 -1.88 -3.13 11.33
CA THR A 47 -1.41 -3.71 12.62
C THR A 47 0.03 -3.28 12.91
N SER A 48 0.86 -3.25 11.89
CA SER A 48 2.28 -2.84 12.09
C SER A 48 2.69 -1.87 10.97
N ILE A 49 3.68 -1.04 11.22
CA ILE A 49 4.11 -0.07 10.17
C ILE A 49 4.97 -0.79 9.11
N CYS A 50 4.54 -0.74 7.87
CA CYS A 50 5.30 -1.41 6.78
C CYS A 50 6.52 -0.56 6.40
N SER A 51 7.58 -1.18 5.96
CA SER A 51 8.83 -0.42 5.61
C SER A 51 8.73 0.26 4.24
N LEU A 52 9.40 1.38 4.10
CA LEU A 52 9.39 2.13 2.81
C LEU A 52 9.95 1.25 1.68
N TYR A 53 10.98 0.50 1.97
CA TYR A 53 11.62 -0.36 0.93
C TYR A 53 10.60 -1.35 0.35
N GLN A 54 9.78 -1.94 1.19
CA GLN A 54 8.76 -2.90 0.66
C GLN A 54 7.69 -2.16 -0.12
N LEU A 55 7.27 -1.00 0.34
CA LEU A 55 6.23 -0.22 -0.42
C LEU A 55 6.75 0.12 -1.81
N GLU A 56 7.98 0.54 -1.90
CA GLU A 56 8.58 0.89 -3.22
C GLU A 56 8.58 -0.34 -4.14
N ASN A 57 8.88 -1.50 -3.61
CA ASN A 57 8.91 -2.73 -4.44
C ASN A 57 7.52 -3.02 -5.03
N TYR A 58 6.49 -2.82 -4.25
CA TYR A 58 5.10 -3.08 -4.76
C TYR A 58 4.81 -2.22 -5.97
N CYS A 59 5.27 -0.99 -5.96
CA CYS A 59 5.01 -0.08 -7.11
C CYS A 59 6.11 -0.25 -8.17
N ASN A 60 7.21 -0.87 -7.83
CA ASN A 60 8.30 -1.07 -8.84
C ASN A 60 7.87 -2.11 -9.87
N PHE A 1 8.21 12.47 13.97
CA PHE A 1 7.98 11.06 13.56
C PHE A 1 6.65 10.56 14.12
N VAL A 2 6.04 9.60 13.46
CA VAL A 2 4.75 9.06 13.93
C VAL A 2 4.82 7.53 14.01
N ASN A 3 3.75 6.90 14.41
CA ASN A 3 3.73 5.42 14.51
C ASN A 3 2.31 4.92 14.35
N GLN A 4 1.90 4.68 13.13
CA GLN A 4 0.51 4.20 12.86
C GLN A 4 0.50 3.30 11.63
N HIS A 5 -0.55 2.56 11.44
CA HIS A 5 -0.64 1.66 10.26
C HIS A 5 -0.98 2.48 9.01
N LEU A 6 -0.36 2.16 7.90
CA LEU A 6 -0.65 2.92 6.64
C LEU A 6 -1.94 2.38 6.02
N CYS A 7 -3.02 3.11 6.18
CA CYS A 7 -4.33 2.66 5.61
C CYS A 7 -5.20 3.87 5.27
N GLY A 8 -6.39 3.62 4.80
CA GLY A 8 -7.35 4.75 4.50
C GLY A 8 -6.69 5.75 3.54
N SER A 9 -6.93 7.02 3.74
CA SER A 9 -6.33 8.06 2.83
C SER A 9 -4.82 8.20 3.09
N HIS A 10 -4.41 7.94 4.29
CA HIS A 10 -2.95 8.08 4.63
C HIS A 10 -2.11 7.13 3.78
N LEU A 11 -2.60 5.94 3.52
CA LEU A 11 -1.82 4.96 2.70
C LEU A 11 -1.56 5.54 1.30
N VAL A 12 -2.54 6.19 0.72
CA VAL A 12 -2.34 6.78 -0.64
C VAL A 12 -1.26 7.87 -0.59
N GLU A 13 -1.29 8.71 0.41
CA GLU A 13 -0.28 9.80 0.52
C GLU A 13 1.13 9.21 0.61
N ALA A 14 1.32 8.22 1.44
CA ALA A 14 2.68 7.61 1.59
C ALA A 14 3.15 7.00 0.28
N LEU A 15 2.34 6.16 -0.33
CA LEU A 15 2.74 5.51 -1.61
C LEU A 15 3.02 6.56 -2.69
N TYR A 16 2.14 7.52 -2.82
CA TYR A 16 2.33 8.59 -3.85
C TYR A 16 3.63 9.35 -3.61
N LEU A 17 3.85 9.81 -2.40
CA LEU A 17 5.09 10.58 -2.08
C LEU A 17 6.36 9.70 -2.20
N VAL A 18 6.28 8.47 -1.76
CA VAL A 18 7.49 7.58 -1.80
C VAL A 18 7.83 7.20 -3.25
N CYS A 19 6.85 6.90 -4.05
CA CYS A 19 7.14 6.50 -5.47
C CYS A 19 7.58 7.72 -6.29
N GLY A 20 7.09 8.88 -5.97
CA GLY A 20 7.48 10.10 -6.73
C GLY A 20 6.69 10.18 -8.03
N GLU A 21 7.26 9.69 -9.11
CA GLU A 21 6.53 9.72 -10.42
C GLU A 21 5.25 8.89 -10.32
N ARG A 22 4.19 9.35 -10.93
CA ARG A 22 2.89 8.60 -10.85
C ARG A 22 2.95 7.34 -11.72
N GLY A 23 3.85 6.44 -11.40
CA GLY A 23 3.95 5.17 -12.16
C GLY A 23 3.48 4.01 -11.28
N PHE A 24 2.66 4.28 -10.29
CA PHE A 24 2.16 3.21 -9.38
C PHE A 24 1.06 2.40 -10.08
N PHE A 25 0.93 1.14 -9.74
CA PHE A 25 -0.14 0.30 -10.36
C PHE A 25 -0.41 -0.94 -9.50
N TYR A 26 0.63 -1.63 -9.03
CA TYR A 26 0.42 -2.85 -8.17
C TYR A 26 -0.68 -3.75 -8.75
N THR A 27 -0.58 -4.10 -10.00
CA THR A 27 -1.63 -4.95 -10.63
C THR A 27 -1.43 -6.43 -10.26
N PRO A 28 -2.42 -7.02 -9.63
CA PRO A 28 -2.31 -8.44 -9.23
C PRO A 28 -2.56 -9.34 -10.44
N LYS A 29 -2.01 -10.53 -10.44
CA LYS A 29 -2.23 -11.46 -11.59
C LYS A 29 -3.68 -11.92 -11.60
N THR A 30 -4.26 -12.14 -10.45
CA THR A 30 -5.68 -12.58 -10.37
C THR A 30 -6.26 -12.27 -8.98
N ARG A 31 -5.72 -12.89 -7.96
CA ARG A 31 -6.20 -12.64 -6.56
C ARG A 31 -7.74 -12.71 -6.47
N ARG A 32 -8.30 -12.30 -5.36
CA ARG A 32 -9.78 -12.35 -5.19
C ARG A 32 -10.39 -10.96 -5.41
N TYR A 33 -11.61 -10.90 -5.87
CA TYR A 33 -12.27 -9.58 -6.11
C TYR A 33 -13.77 -9.66 -5.74
N PRO A 34 -14.04 -9.84 -4.46
CA PRO A 34 -15.45 -9.93 -3.99
C PRO A 34 -16.11 -8.54 -4.05
N GLY A 35 -17.24 -8.40 -3.40
CA GLY A 35 -17.94 -7.07 -3.42
C GLY A 35 -17.51 -6.21 -2.22
N ASP A 36 -16.80 -6.78 -1.27
CA ASP A 36 -16.37 -5.98 -0.07
C ASP A 36 -15.04 -5.25 -0.31
N VAL A 37 -14.85 -4.69 -1.49
CA VAL A 37 -13.59 -3.93 -1.84
C VAL A 37 -12.32 -4.56 -1.23
N LYS A 38 -12.04 -5.79 -1.57
CA LYS A 38 -10.83 -6.47 -1.03
C LYS A 38 -9.58 -5.98 -1.76
N ARG A 39 -9.05 -4.86 -1.36
CA ARG A 39 -7.82 -4.33 -2.01
C ARG A 39 -6.63 -5.23 -1.67
N GLY A 40 -6.57 -5.67 -0.44
CA GLY A 40 -5.45 -6.54 0.00
C GLY A 40 -4.29 -5.68 0.52
N ILE A 41 -3.91 -4.67 -0.23
CA ILE A 41 -2.80 -3.79 0.22
C ILE A 41 -3.17 -3.09 1.53
N VAL A 42 -4.33 -2.51 1.60
CA VAL A 42 -4.76 -1.81 2.85
C VAL A 42 -4.78 -2.79 4.03
N GLU A 43 -5.41 -3.92 3.85
CA GLU A 43 -5.49 -4.93 4.96
C GLU A 43 -4.08 -5.38 5.38
N GLN A 44 -3.19 -5.56 4.42
CA GLN A 44 -1.81 -6.03 4.74
C GLN A 44 -1.08 -5.03 5.67
N CYS A 45 -1.16 -3.76 5.39
CA CYS A 45 -0.44 -2.76 6.25
C CYS A 45 -1.29 -2.33 7.47
N CYS A 46 -2.56 -2.61 7.48
CA CYS A 46 -3.42 -2.19 8.63
C CYS A 46 -3.08 -2.97 9.90
N THR A 47 -2.90 -4.28 9.80
CA THR A 47 -2.57 -5.09 11.01
C THR A 47 -1.11 -4.88 11.41
N SER A 48 -0.23 -4.76 10.47
CA SER A 48 1.21 -4.56 10.78
C SER A 48 1.75 -3.33 10.04
N ILE A 49 2.61 -2.59 10.67
CA ILE A 49 3.18 -1.38 10.00
C ILE A 49 4.08 -1.81 8.84
N CYS A 50 3.87 -1.26 7.68
CA CYS A 50 4.72 -1.63 6.51
C CYS A 50 5.97 -0.74 6.51
N SER A 51 7.14 -1.35 6.54
CA SER A 51 8.41 -0.57 6.58
C SER A 51 8.78 -0.05 5.19
N LEU A 52 9.63 0.94 5.14
CA LEU A 52 10.07 1.53 3.85
C LEU A 52 10.67 0.45 2.93
N TYR A 53 11.41 -0.47 3.48
CA TYR A 53 12.05 -1.53 2.64
C TYR A 53 10.99 -2.30 1.85
N GLN A 54 9.89 -2.62 2.46
CA GLN A 54 8.81 -3.37 1.72
C GLN A 54 8.15 -2.44 0.68
N LEU A 55 7.84 -1.23 1.07
CA LEU A 55 7.18 -0.28 0.11
C LEU A 55 8.08 -0.03 -1.11
N GLU A 56 9.35 0.18 -0.90
CA GLU A 56 10.28 0.42 -2.04
C GLU A 56 10.27 -0.78 -2.99
N ASN A 57 10.24 -1.97 -2.44
CA ASN A 57 10.24 -3.20 -3.29
C ASN A 57 9.02 -3.22 -4.22
N TYR A 58 7.84 -2.96 -3.69
CA TYR A 58 6.62 -2.96 -4.56
C TYR A 58 6.70 -1.88 -5.64
N CYS A 59 7.20 -0.71 -5.29
CA CYS A 59 7.28 0.40 -6.28
C CYS A 59 8.62 0.37 -7.03
N ASN A 60 9.00 -0.77 -7.53
CA ASN A 60 10.30 -0.86 -8.27
C ASN A 60 10.23 -0.01 -9.55
N PHE A 1 7.70 13.58 13.12
CA PHE A 1 7.86 12.14 13.46
C PHE A 1 6.50 11.51 13.77
N VAL A 2 6.20 10.40 13.15
CA VAL A 2 4.90 9.74 13.38
C VAL A 2 5.11 8.25 13.70
N ASN A 3 4.14 7.65 14.31
CA ASN A 3 4.25 6.19 14.66
C ASN A 3 2.84 5.61 14.76
N GLN A 4 2.25 5.30 13.63
CA GLN A 4 0.87 4.75 13.63
C GLN A 4 0.70 3.79 12.45
N HIS A 5 -0.38 3.04 12.43
CA HIS A 5 -0.61 2.09 11.30
C HIS A 5 -1.08 2.86 10.07
N LEU A 6 -0.62 2.47 8.90
CA LEU A 6 -1.03 3.19 7.66
C LEU A 6 -2.34 2.61 7.13
N CYS A 7 -3.40 3.36 7.26
CA CYS A 7 -4.73 2.88 6.77
C CYS A 7 -5.59 4.08 6.34
N GLY A 8 -6.73 3.82 5.76
CA GLY A 8 -7.65 4.94 5.37
C GLY A 8 -6.92 5.93 4.46
N SER A 9 -7.04 7.20 4.72
CA SER A 9 -6.36 8.23 3.85
C SER A 9 -4.84 8.22 4.05
N HIS A 10 -4.40 7.96 5.25
CA HIS A 10 -2.93 7.94 5.54
C HIS A 10 -2.22 6.90 4.67
N LEU A 11 -2.82 5.76 4.47
CA LEU A 11 -2.17 4.69 3.65
C LEU A 11 -1.90 5.20 2.22
N VAL A 12 -2.85 5.87 1.63
CA VAL A 12 -2.65 6.39 0.23
C VAL A 12 -1.47 7.36 0.20
N GLU A 13 -1.39 8.23 1.16
CA GLU A 13 -0.27 9.23 1.19
C GLU A 13 1.08 8.54 1.24
N ALA A 14 1.23 7.56 2.09
CA ALA A 14 2.55 6.84 2.20
C ALA A 14 2.87 6.09 0.90
N LEU A 15 1.90 5.45 0.32
CA LEU A 15 2.15 4.67 -0.94
C LEU A 15 2.67 5.59 -2.06
N TYR A 16 2.05 6.74 -2.23
CA TYR A 16 2.51 7.67 -3.31
C TYR A 16 3.95 8.13 -3.04
N LEU A 17 4.27 8.40 -1.80
CA LEU A 17 5.66 8.85 -1.47
C LEU A 17 6.67 7.77 -1.88
N VAL A 18 6.36 6.52 -1.67
CA VAL A 18 7.31 5.43 -2.01
C VAL A 18 7.49 5.32 -3.53
N CYS A 19 6.43 5.32 -4.27
CA CYS A 19 6.54 5.20 -5.76
C CYS A 19 7.15 6.48 -6.35
N GLY A 20 6.69 7.62 -5.89
CA GLY A 20 7.23 8.91 -6.40
C GLY A 20 7.10 9.01 -7.93
N GLU A 21 6.24 8.22 -8.53
CA GLU A 21 6.09 8.29 -10.01
C GLU A 21 4.61 8.34 -10.41
N ARG A 22 4.26 9.24 -11.29
CA ARG A 22 2.83 9.35 -11.73
C ARG A 22 2.36 8.08 -12.43
N GLY A 23 3.21 7.48 -13.23
CA GLY A 23 2.81 6.24 -13.96
C GLY A 23 3.19 5.01 -13.12
N PHE A 24 2.89 5.03 -11.84
CA PHE A 24 3.23 3.87 -10.96
C PHE A 24 2.23 2.72 -11.18
N PHE A 25 2.71 1.51 -11.29
CA PHE A 25 1.79 0.36 -11.49
C PHE A 25 1.17 -0.06 -10.16
N TYR A 26 2.00 -0.55 -9.25
CA TYR A 26 1.48 -0.99 -7.91
C TYR A 26 0.28 -1.92 -8.07
N THR A 27 0.37 -2.85 -8.99
CA THR A 27 -0.77 -3.79 -9.23
C THR A 27 -0.84 -4.84 -8.10
N PRO A 28 -2.04 -5.08 -7.59
CA PRO A 28 -2.19 -6.07 -6.51
C PRO A 28 -2.23 -7.49 -7.09
N LYS A 29 -1.85 -8.47 -6.30
CA LYS A 29 -1.87 -9.88 -6.80
C LYS A 29 -3.32 -10.29 -7.09
N THR A 30 -4.24 -9.88 -6.25
CA THR A 30 -5.68 -10.26 -6.44
C THR A 30 -5.83 -11.78 -6.43
N ARG A 31 -5.76 -12.38 -5.26
CA ARG A 31 -5.90 -13.86 -5.19
C ARG A 31 -7.32 -14.25 -5.58
N ARG A 32 -8.28 -13.48 -5.15
CA ARG A 32 -9.70 -13.76 -5.49
C ARG A 32 -10.11 -12.94 -6.72
N TYR A 33 -10.78 -13.55 -7.65
CA TYR A 33 -11.22 -12.81 -8.89
C TYR A 33 -12.44 -11.92 -8.60
N PRO A 34 -13.50 -12.51 -8.07
CA PRO A 34 -14.72 -11.71 -7.78
C PRO A 34 -14.47 -10.81 -6.57
N GLY A 35 -14.85 -9.56 -6.68
CA GLY A 35 -14.64 -8.61 -5.55
C GLY A 35 -13.39 -7.77 -5.82
N ASP A 36 -12.48 -8.27 -6.63
CA ASP A 36 -11.22 -7.52 -6.95
C ASP A 36 -10.54 -7.04 -5.66
N VAL A 37 -10.57 -7.85 -4.64
CA VAL A 37 -9.94 -7.47 -3.33
C VAL A 37 -10.53 -6.13 -2.83
N LYS A 38 -10.22 -5.75 -1.62
CA LYS A 38 -10.76 -4.45 -1.09
C LYS A 38 -10.08 -3.30 -1.82
N ARG A 39 -8.80 -3.42 -2.06
CA ARG A 39 -8.06 -2.36 -2.78
C ARG A 39 -6.75 -2.93 -3.34
N GLY A 40 -6.09 -3.77 -2.59
CA GLY A 40 -4.82 -4.38 -3.09
C GLY A 40 -3.97 -4.84 -1.89
N ILE A 41 -3.33 -3.92 -1.23
CA ILE A 41 -2.47 -4.28 -0.06
C ILE A 41 -2.87 -3.47 1.19
N VAL A 42 -3.97 -2.75 1.15
CA VAL A 42 -4.39 -1.94 2.32
C VAL A 42 -4.64 -2.84 3.54
N GLU A 43 -5.26 -3.98 3.35
CA GLU A 43 -5.54 -4.90 4.49
C GLU A 43 -4.24 -5.34 5.18
N GLN A 44 -3.22 -5.60 4.41
CA GLN A 44 -1.92 -6.07 5.00
C GLN A 44 -1.23 -4.94 5.80
N CYS A 45 -1.27 -3.74 5.31
CA CYS A 45 -0.59 -2.61 6.02
C CYS A 45 -1.45 -2.03 7.15
N CYS A 46 -2.75 -2.16 7.07
CA CYS A 46 -3.61 -1.58 8.15
C CYS A 46 -3.39 -2.34 9.46
N THR A 47 -3.21 -3.64 9.39
CA THR A 47 -2.98 -4.43 10.65
C THR A 47 -1.59 -4.13 11.22
N SER A 48 -0.59 -4.03 10.37
CA SER A 48 0.79 -3.75 10.86
C SER A 48 1.41 -2.60 10.06
N ILE A 49 2.24 -1.80 10.69
CA ILE A 49 2.87 -0.66 9.95
C ILE A 49 3.75 -1.20 8.82
N CYS A 50 3.58 -0.69 7.63
CA CYS A 50 4.42 -1.16 6.48
C CYS A 50 5.64 -0.25 6.35
N SER A 51 6.81 -0.83 6.31
CA SER A 51 8.06 0.00 6.20
C SER A 51 8.25 0.49 4.77
N LEU A 52 9.04 1.52 4.61
CA LEU A 52 9.29 2.09 3.25
C LEU A 52 9.90 1.04 2.32
N TYR A 53 10.80 0.24 2.83
CA TYR A 53 11.46 -0.79 1.96
C TYR A 53 10.43 -1.76 1.37
N GLN A 54 9.45 -2.14 2.16
CA GLN A 54 8.41 -3.10 1.64
C GLN A 54 7.54 -2.42 0.58
N LEU A 55 7.18 -1.18 0.81
CA LEU A 55 6.33 -0.45 -0.20
C LEU A 55 7.10 -0.34 -1.51
N GLU A 56 8.38 -0.07 -1.44
CA GLU A 56 9.20 0.05 -2.68
C GLU A 56 9.17 -1.26 -3.46
N ASN A 57 9.23 -2.38 -2.76
CA ASN A 57 9.21 -3.69 -3.45
C ASN A 57 7.92 -3.88 -4.25
N TYR A 58 6.78 -3.53 -3.69
CA TYR A 58 5.50 -3.67 -4.45
C TYR A 58 5.48 -2.70 -5.63
N CYS A 59 6.10 -1.56 -5.47
CA CYS A 59 6.11 -0.54 -6.57
C CYS A 59 7.32 -0.76 -7.48
N ASN A 60 7.44 -1.94 -8.03
CA ASN A 60 8.59 -2.23 -8.94
C ASN A 60 8.42 -1.46 -10.26
N PHE A 1 11.81 10.42 16.38
CA PHE A 1 11.22 9.91 15.12
C PHE A 1 10.43 8.62 15.39
N VAL A 2 9.25 8.51 14.84
CA VAL A 2 8.43 7.30 15.06
C VAL A 2 7.92 6.74 13.73
N ASN A 3 7.37 5.55 13.76
CA ASN A 3 6.84 4.94 12.50
C ASN A 3 5.73 3.95 12.86
N GLN A 4 4.50 4.40 12.83
CA GLN A 4 3.35 3.53 13.17
C GLN A 4 2.91 2.68 11.97
N HIS A 5 1.82 1.97 12.11
CA HIS A 5 1.32 1.11 10.99
C HIS A 5 0.77 1.96 9.85
N LEU A 6 0.84 1.48 8.63
CA LEU A 6 0.31 2.24 7.47
C LEU A 6 -1.04 1.66 7.05
N CYS A 7 -2.11 2.23 7.52
CA CYS A 7 -3.47 1.74 7.16
C CYS A 7 -4.47 2.90 7.20
N GLY A 8 -5.74 2.62 7.03
CA GLY A 8 -6.78 3.69 7.12
C GLY A 8 -6.46 4.79 6.10
N SER A 9 -6.77 6.02 6.42
CA SER A 9 -6.50 7.15 5.47
C SER A 9 -4.99 7.43 5.37
N HIS A 10 -4.26 7.12 6.41
CA HIS A 10 -2.79 7.37 6.40
C HIS A 10 -2.08 6.55 5.32
N LEU A 11 -2.49 5.33 5.12
CA LEU A 11 -1.83 4.46 4.08
C LEU A 11 -1.95 5.10 2.69
N VAL A 12 -3.14 5.49 2.31
CA VAL A 12 -3.31 6.14 0.96
C VAL A 12 -2.55 7.46 0.95
N GLU A 13 -2.70 8.24 1.98
CA GLU A 13 -2.00 9.56 2.07
C GLU A 13 -0.48 9.34 2.02
N ALA A 14 0.00 8.33 2.68
CA ALA A 14 1.48 8.05 2.69
C ALA A 14 1.97 7.78 1.26
N LEU A 15 1.22 7.03 0.49
CA LEU A 15 1.66 6.74 -0.92
C LEU A 15 1.82 8.04 -1.70
N TYR A 16 0.84 8.91 -1.65
CA TYR A 16 0.94 10.21 -2.38
C TYR A 16 2.14 11.00 -1.84
N LEU A 17 2.34 10.96 -0.54
CA LEU A 17 3.47 11.72 0.08
C LEU A 17 4.83 11.10 -0.31
N VAL A 18 4.91 9.79 -0.33
CA VAL A 18 6.20 9.12 -0.68
C VAL A 18 6.46 9.20 -2.18
N CYS A 19 5.57 8.69 -2.98
CA CYS A 19 5.77 8.71 -4.46
C CYS A 19 5.63 10.14 -5.01
N GLY A 20 4.69 10.88 -4.50
CA GLY A 20 4.49 12.28 -4.96
C GLY A 20 4.09 12.30 -6.44
N GLU A 21 3.62 11.20 -6.98
CA GLU A 21 3.20 11.16 -8.41
C GLU A 21 1.95 10.31 -8.57
N ARG A 22 1.20 10.54 -9.63
CA ARG A 22 -0.04 9.75 -9.87
C ARG A 22 0.14 8.80 -11.07
N GLY A 23 1.37 8.54 -11.46
CA GLY A 23 1.60 7.63 -12.62
C GLY A 23 1.18 6.20 -12.27
N PHE A 24 1.60 5.71 -11.13
CA PHE A 24 1.24 4.32 -10.73
C PHE A 24 -0.19 4.26 -10.17
N PHE A 25 -0.99 3.34 -10.67
CA PHE A 25 -2.38 3.20 -10.16
C PHE A 25 -2.41 2.38 -8.85
N TYR A 26 -1.30 1.78 -8.49
CA TYR A 26 -1.23 0.95 -7.24
C TYR A 26 -2.23 -0.21 -7.30
N THR A 27 -2.39 -0.81 -8.46
CA THR A 27 -3.32 -1.96 -8.58
C THR A 27 -2.59 -3.26 -8.19
N PRO A 28 -3.07 -3.94 -7.17
CA PRO A 28 -2.41 -5.20 -6.75
C PRO A 28 -2.62 -6.27 -7.83
N LYS A 29 -1.83 -7.31 -7.81
CA LYS A 29 -1.99 -8.37 -8.84
C LYS A 29 -3.37 -9.01 -8.72
N THR A 30 -3.78 -9.33 -7.51
CA THR A 30 -5.13 -9.94 -7.24
C THR A 30 -5.29 -11.33 -7.89
N ARG A 31 -5.09 -11.44 -9.18
CA ARG A 31 -5.27 -12.75 -9.88
C ARG A 31 -6.67 -13.30 -9.60
N ARG A 32 -7.63 -12.42 -9.45
CA ARG A 32 -9.02 -12.85 -9.19
C ARG A 32 -9.98 -11.96 -9.98
N TYR A 33 -10.93 -12.56 -10.66
CA TYR A 33 -11.90 -11.74 -11.47
C TYR A 33 -12.98 -11.12 -10.58
N PRO A 34 -13.69 -11.93 -9.80
CA PRO A 34 -14.76 -11.38 -8.93
C PRO A 34 -14.18 -10.55 -7.79
N GLY A 35 -14.99 -10.20 -6.83
CA GLY A 35 -14.49 -9.38 -5.68
C GLY A 35 -13.67 -10.23 -4.72
N ASP A 36 -14.31 -11.08 -3.94
CA ASP A 36 -13.56 -11.93 -2.97
C ASP A 36 -12.63 -11.09 -2.08
N VAL A 37 -13.19 -10.12 -1.40
CA VAL A 37 -12.37 -9.23 -0.49
C VAL A 37 -11.26 -8.54 -1.31
N LYS A 38 -10.60 -7.58 -0.71
CA LYS A 38 -9.50 -6.85 -1.42
C LYS A 38 -8.41 -6.47 -0.43
N ARG A 39 -7.42 -5.71 -0.87
CA ARG A 39 -6.29 -5.30 0.01
C ARG A 39 -5.58 -6.55 0.53
N GLY A 40 -5.45 -7.57 -0.29
CA GLY A 40 -4.74 -8.81 0.17
C GLY A 40 -3.31 -8.42 0.53
N ILE A 41 -2.63 -7.76 -0.36
CA ILE A 41 -1.24 -7.31 -0.09
C ILE A 41 -1.26 -6.13 0.88
N VAL A 42 -2.21 -5.23 0.70
CA VAL A 42 -2.32 -4.04 1.59
C VAL A 42 -2.63 -4.46 3.03
N GLU A 43 -3.53 -5.39 3.20
CA GLU A 43 -3.90 -5.85 4.58
C GLU A 43 -2.69 -6.41 5.34
N GLN A 44 -1.80 -7.08 4.65
CA GLN A 44 -0.61 -7.68 5.36
C GLN A 44 0.22 -6.59 6.04
N CYS A 45 0.39 -5.45 5.40
CA CYS A 45 1.19 -4.36 6.03
C CYS A 45 0.34 -3.67 7.12
N CYS A 46 -0.96 -3.74 7.02
CA CYS A 46 -1.82 -3.11 8.06
C CYS A 46 -1.70 -3.89 9.37
N THR A 47 -1.81 -5.19 9.31
CA THR A 47 -1.69 -6.02 10.55
C THR A 47 -0.23 -6.11 10.98
N SER A 48 0.68 -6.25 10.04
CA SER A 48 2.12 -6.33 10.38
C SER A 48 2.85 -5.11 9.84
N ILE A 49 3.75 -4.54 10.60
CA ILE A 49 4.48 -3.32 10.12
C ILE A 49 5.43 -3.67 8.97
N CYS A 50 5.25 -3.04 7.84
CA CYS A 50 6.13 -3.32 6.67
C CYS A 50 7.32 -2.34 6.69
N SER A 51 8.45 -2.75 6.16
CA SER A 51 9.66 -1.87 6.18
C SER A 51 9.57 -0.81 5.08
N LEU A 52 10.31 0.25 5.22
CA LEU A 52 10.33 1.35 4.21
C LEU A 52 10.75 0.80 2.85
N TYR A 53 11.63 -0.17 2.85
CA TYR A 53 12.13 -0.76 1.57
C TYR A 53 10.96 -1.34 0.75
N GLN A 54 10.03 -1.98 1.40
CA GLN A 54 8.86 -2.56 0.66
C GLN A 54 8.04 -1.45 0.02
N LEU A 55 7.86 -0.36 0.71
CA LEU A 55 7.07 0.78 0.14
C LEU A 55 7.75 1.27 -1.14
N GLU A 56 9.05 1.32 -1.13
CA GLU A 56 9.81 1.75 -2.33
C GLU A 56 9.52 0.81 -3.49
N ASN A 57 9.41 -0.47 -3.21
CA ASN A 57 9.14 -1.46 -4.30
C ASN A 57 7.82 -1.14 -5.01
N TYR A 58 6.77 -0.87 -4.27
CA TYR A 58 5.46 -0.54 -4.91
C TYR A 58 5.59 0.71 -5.79
N CYS A 59 6.44 1.62 -5.41
CA CYS A 59 6.61 2.87 -6.22
C CYS A 59 7.68 2.67 -7.29
N ASN A 60 7.49 1.74 -8.18
CA ASN A 60 8.48 1.49 -9.26
C ASN A 60 8.45 2.65 -10.26
N PHE A 1 8.45 11.99 16.89
CA PHE A 1 8.48 10.92 15.86
C PHE A 1 7.15 10.15 15.87
N VAL A 2 6.55 9.97 14.72
CA VAL A 2 5.25 9.24 14.66
C VAL A 2 5.30 8.15 13.59
N ASN A 3 4.42 7.19 13.68
CA ASN A 3 4.38 6.08 12.69
C ASN A 3 2.97 5.49 12.65
N GLN A 4 2.11 6.07 11.85
CA GLN A 4 0.70 5.59 11.76
C GLN A 4 0.57 4.41 10.80
N HIS A 5 -0.57 3.76 10.82
CA HIS A 5 -0.81 2.60 9.91
C HIS A 5 -1.11 3.08 8.49
N LEU A 6 -0.58 2.41 7.50
CA LEU A 6 -0.85 2.81 6.09
C LEU A 6 -2.21 2.28 5.64
N CYS A 7 -3.27 2.94 5.99
CA CYS A 7 -4.63 2.46 5.60
C CYS A 7 -5.60 3.63 5.45
N GLY A 8 -6.78 3.37 4.95
CA GLY A 8 -7.83 4.44 4.83
C GLY A 8 -7.27 5.62 4.02
N SER A 9 -7.48 6.83 4.49
CA SER A 9 -6.96 8.02 3.75
C SER A 9 -5.43 8.11 3.85
N HIS A 10 -4.88 7.66 4.94
CA HIS A 10 -3.39 7.71 5.12
C HIS A 10 -2.68 6.87 4.06
N LEU A 11 -3.20 5.73 3.72
CA LEU A 11 -2.52 4.86 2.70
C LEU A 11 -2.38 5.60 1.36
N VAL A 12 -3.43 6.18 0.85
CA VAL A 12 -3.33 6.90 -0.45
C VAL A 12 -2.36 8.08 -0.32
N GLU A 13 -2.51 8.86 0.71
CA GLU A 13 -1.63 10.05 0.91
C GLU A 13 -0.15 9.67 1.02
N ALA A 14 0.18 8.74 1.89
CA ALA A 14 1.61 8.35 2.08
C ALA A 14 2.20 7.73 0.80
N LEU A 15 1.50 6.80 0.20
CA LEU A 15 2.03 6.15 -1.04
C LEU A 15 2.26 7.19 -2.15
N TYR A 16 1.30 8.04 -2.41
CA TYR A 16 1.47 9.06 -3.49
C TYR A 16 2.66 9.97 -3.18
N LEU A 17 2.75 10.47 -1.99
CA LEU A 17 3.90 11.37 -1.64
C LEU A 17 5.23 10.64 -1.80
N VAL A 18 5.31 9.40 -1.37
CA VAL A 18 6.59 8.63 -1.49
C VAL A 18 6.87 8.29 -2.97
N CYS A 19 5.91 7.76 -3.65
CA CYS A 19 6.11 7.38 -5.08
C CYS A 19 6.22 8.66 -5.94
N GLY A 20 5.47 9.67 -5.59
CA GLY A 20 5.53 10.96 -6.34
C GLY A 20 4.53 10.97 -7.50
N GLU A 21 4.09 9.81 -7.95
CA GLU A 21 3.11 9.79 -9.09
C GLU A 21 2.46 8.41 -9.22
N ARG A 22 1.41 8.33 -9.99
CA ARG A 22 0.72 7.04 -10.19
C ARG A 22 1.27 6.30 -11.41
N GLY A 23 2.45 6.66 -11.86
CA GLY A 23 3.03 5.98 -13.06
C GLY A 23 3.36 4.53 -12.74
N PHE A 24 3.55 4.19 -11.48
CA PHE A 24 3.88 2.78 -11.13
C PHE A 24 2.62 1.91 -11.29
N PHE A 25 2.73 0.84 -12.03
CA PHE A 25 1.56 -0.05 -12.28
C PHE A 25 1.14 -0.83 -11.03
N TYR A 26 2.08 -1.32 -10.25
CA TYR A 26 1.71 -2.14 -9.05
C TYR A 26 0.85 -3.32 -9.51
N THR A 27 1.27 -4.01 -10.54
CA THR A 27 0.47 -5.13 -11.09
C THR A 27 0.64 -6.39 -10.22
N PRO A 28 -0.42 -6.78 -9.54
CA PRO A 28 -0.37 -7.96 -8.67
C PRO A 28 -0.85 -9.19 -9.44
N LYS A 29 -0.98 -10.31 -8.78
CA LYS A 29 -1.43 -11.56 -9.45
C LYS A 29 -2.86 -11.35 -9.98
N THR A 30 -3.67 -10.63 -9.26
CA THR A 30 -5.07 -10.35 -9.68
C THR A 30 -5.83 -11.64 -9.98
N ARG A 31 -5.87 -12.56 -9.05
CA ARG A 31 -6.65 -13.81 -9.26
C ARG A 31 -8.14 -13.45 -9.25
N ARG A 32 -8.51 -12.49 -8.44
CA ARG A 32 -9.94 -12.07 -8.36
C ARG A 32 -10.01 -10.54 -8.21
N TYR A 33 -11.12 -9.94 -8.57
CA TYR A 33 -11.28 -8.46 -8.41
C TYR A 33 -12.77 -8.11 -8.29
N PRO A 34 -13.40 -8.62 -7.25
CA PRO A 34 -14.84 -8.36 -7.03
C PRO A 34 -15.08 -6.97 -6.42
N GLY A 35 -14.10 -6.43 -5.74
CA GLY A 35 -14.27 -5.08 -5.11
C GLY A 35 -14.60 -5.28 -3.63
N ASP A 36 -13.95 -6.24 -3.00
CA ASP A 36 -14.23 -6.52 -1.55
C ASP A 36 -13.49 -5.54 -0.62
N VAL A 37 -13.88 -4.29 -0.63
CA VAL A 37 -13.24 -3.27 0.28
C VAL A 37 -11.70 -3.27 0.11
N LYS A 38 -10.97 -4.08 0.87
CA LYS A 38 -9.48 -4.09 0.72
C LYS A 38 -9.08 -4.93 -0.49
N ARG A 39 -8.03 -4.56 -1.15
CA ARG A 39 -7.57 -5.35 -2.34
C ARG A 39 -7.01 -6.69 -1.89
N GLY A 40 -6.46 -6.75 -0.71
CA GLY A 40 -5.89 -8.03 -0.20
C GLY A 40 -4.51 -7.76 0.41
N ILE A 41 -3.61 -7.26 -0.38
CA ILE A 41 -2.23 -6.97 0.12
C ILE A 41 -2.25 -5.80 1.12
N VAL A 42 -3.07 -4.81 0.88
CA VAL A 42 -3.13 -3.64 1.82
C VAL A 42 -3.52 -4.07 3.23
N GLU A 43 -4.23 -5.16 3.35
CA GLU A 43 -4.65 -5.63 4.69
C GLU A 43 -3.43 -5.93 5.56
N GLN A 44 -2.37 -6.41 4.97
CA GLN A 44 -1.14 -6.74 5.76
C GLN A 44 -0.60 -5.49 6.46
N CYS A 45 -0.56 -4.37 5.78
CA CYS A 45 -0.04 -3.12 6.41
C CYS A 45 -1.13 -2.50 7.30
N CYS A 46 -2.37 -2.69 6.95
CA CYS A 46 -3.48 -2.12 7.77
C CYS A 46 -3.56 -2.84 9.12
N THR A 47 -3.38 -4.14 9.12
CA THR A 47 -3.44 -4.91 10.41
C THR A 47 -2.16 -4.65 11.21
N SER A 48 -1.02 -4.67 10.55
CA SER A 48 0.28 -4.43 11.23
C SER A 48 1.08 -3.41 10.42
N ILE A 49 1.92 -2.63 11.05
CA ILE A 49 2.70 -1.62 10.28
C ILE A 49 3.74 -2.34 9.41
N CYS A 50 3.74 -2.05 8.13
CA CYS A 50 4.70 -2.71 7.20
C CYS A 50 6.08 -2.06 7.32
N SER A 51 7.11 -2.78 6.96
CA SER A 51 8.49 -2.21 7.05
C SER A 51 8.76 -1.27 5.87
N LEU A 52 9.53 -0.24 6.11
CA LEU A 52 9.84 0.75 5.03
C LEU A 52 10.51 0.06 3.84
N TYR A 53 11.40 -0.88 4.10
CA TYR A 53 12.11 -1.57 2.97
C TYR A 53 11.10 -2.25 2.05
N GLN A 54 10.10 -2.90 2.59
CA GLN A 54 9.08 -3.57 1.74
C GLN A 54 8.26 -2.50 1.01
N LEU A 55 7.94 -1.43 1.69
CA LEU A 55 7.15 -0.34 1.05
C LEU A 55 7.91 0.21 -0.16
N GLU A 56 9.19 0.41 -0.01
CA GLU A 56 10.02 0.92 -1.14
C GLU A 56 9.97 -0.09 -2.31
N ASN A 57 10.02 -1.36 -2.01
CA ASN A 57 9.99 -2.39 -3.09
C ASN A 57 8.66 -2.33 -3.85
N TYR A 58 7.58 -2.12 -3.15
CA TYR A 58 6.24 -2.04 -3.83
C TYR A 58 6.22 -0.91 -4.85
N CYS A 59 6.82 0.20 -4.53
CA CYS A 59 6.82 1.36 -5.48
C CYS A 59 8.03 1.26 -6.42
N ASN A 60 9.00 0.43 -6.10
CA ASN A 60 10.18 0.29 -7.01
C ASN A 60 9.80 -0.48 -8.27
N PHE A 1 8.95 12.35 14.62
CA PHE A 1 9.00 10.86 14.61
C PHE A 1 7.58 10.29 14.66
N VAL A 2 7.26 9.38 13.78
CA VAL A 2 5.90 8.78 13.76
C VAL A 2 5.99 7.25 13.72
N ASN A 3 4.94 6.59 14.09
CA ASN A 3 4.93 5.10 14.09
C ASN A 3 3.49 4.62 13.95
N GLN A 4 3.08 4.30 12.74
CA GLN A 4 1.67 3.85 12.53
C GLN A 4 1.61 2.84 11.37
N HIS A 5 0.53 2.10 11.30
CA HIS A 5 0.37 1.09 10.21
C HIS A 5 -0.07 1.79 8.91
N LEU A 6 0.31 1.23 7.79
CA LEU A 6 -0.09 1.84 6.49
C LEU A 6 -1.51 1.40 6.13
N CYS A 7 -2.49 1.91 6.81
CA CYS A 7 -3.91 1.53 6.53
C CYS A 7 -4.84 2.71 6.84
N GLY A 8 -6.13 2.49 6.77
CA GLY A 8 -7.11 3.58 7.11
C GLY A 8 -6.78 4.83 6.28
N SER A 9 -6.91 6.00 6.85
CA SER A 9 -6.58 7.25 6.09
C SER A 9 -5.06 7.44 5.95
N HIS A 10 -4.31 6.88 6.86
CA HIS A 10 -2.82 7.03 6.81
C HIS A 10 -2.25 6.38 5.54
N LEU A 11 -2.84 5.30 5.10
CA LEU A 11 -2.32 4.61 3.87
C LEU A 11 -2.35 5.55 2.66
N VAL A 12 -3.46 6.19 2.41
CA VAL A 12 -3.55 7.12 1.24
C VAL A 12 -2.52 8.25 1.41
N GLU A 13 -2.48 8.83 2.58
CA GLU A 13 -1.52 9.95 2.82
C GLU A 13 -0.06 9.52 2.61
N ALA A 14 0.32 8.43 3.20
CA ALA A 14 1.74 7.95 3.09
C ALA A 14 2.15 7.60 1.65
N LEU A 15 1.41 6.73 1.01
CA LEU A 15 1.77 6.31 -0.39
C LEU A 15 1.79 7.50 -1.35
N TYR A 16 0.76 8.30 -1.36
CA TYR A 16 0.73 9.47 -2.30
C TYR A 16 1.86 10.47 -2.00
N LEU A 17 2.05 10.80 -0.75
CA LEU A 17 3.11 11.78 -0.38
C LEU A 17 4.53 11.24 -0.66
N VAL A 18 4.78 9.99 -0.38
CA VAL A 18 6.14 9.43 -0.61
C VAL A 18 6.43 9.29 -2.11
N CYS A 19 5.54 8.63 -2.82
CA CYS A 19 5.75 8.45 -4.30
C CYS A 19 5.58 9.77 -5.05
N GLY A 20 4.60 10.55 -4.65
CA GLY A 20 4.36 11.85 -5.33
C GLY A 20 4.04 11.63 -6.81
N GLU A 21 3.62 10.44 -7.17
CA GLU A 21 3.31 10.16 -8.61
C GLU A 21 2.39 8.94 -8.71
N ARG A 22 1.71 8.78 -9.81
CA ARG A 22 0.79 7.61 -9.99
C ARG A 22 1.38 6.64 -11.02
N GLY A 23 2.69 6.62 -11.14
CA GLY A 23 3.35 5.71 -12.12
C GLY A 23 3.22 4.25 -11.67
N PHE A 24 2.98 4.02 -10.39
CA PHE A 24 2.87 2.61 -9.91
C PHE A 24 1.55 1.99 -10.37
N PHE A 25 1.64 0.92 -11.12
CA PHE A 25 0.42 0.23 -11.63
C PHE A 25 -0.24 -0.56 -10.51
N TYR A 26 0.54 -1.03 -9.56
CA TYR A 26 -0.02 -1.85 -8.43
C TYR A 26 -0.80 -3.04 -8.98
N THR A 27 -0.28 -3.67 -10.01
CA THR A 27 -0.96 -4.84 -10.61
C THR A 27 -0.73 -6.10 -9.74
N PRO A 28 -1.80 -6.69 -9.24
CA PRO A 28 -1.65 -7.89 -8.39
C PRO A 28 -1.44 -9.14 -9.26
N LYS A 29 -0.22 -9.58 -9.40
CA LYS A 29 0.04 -10.81 -10.21
C LYS A 29 -0.31 -12.06 -9.41
N THR A 30 -1.53 -12.16 -8.94
CA THR A 30 -1.94 -13.36 -8.14
C THR A 30 -3.47 -13.41 -8.01
N ARG A 31 -4.12 -12.28 -7.87
CA ARG A 31 -5.60 -12.26 -7.72
C ARG A 31 -6.17 -10.95 -8.27
N ARG A 32 -6.74 -10.98 -9.44
CA ARG A 32 -7.31 -9.74 -10.03
C ARG A 32 -8.46 -9.20 -9.16
N TYR A 33 -9.28 -10.06 -8.64
CA TYR A 33 -10.42 -9.61 -7.79
C TYR A 33 -10.87 -10.75 -6.85
N PRO A 34 -10.50 -10.69 -5.59
CA PRO A 34 -10.89 -11.75 -4.63
C PRO A 34 -12.37 -11.61 -4.24
N GLY A 35 -12.68 -10.72 -3.33
CA GLY A 35 -14.11 -10.55 -2.90
C GLY A 35 -14.50 -9.07 -2.93
N ASP A 36 -14.07 -8.35 -3.94
CA ASP A 36 -14.42 -6.89 -4.05
C ASP A 36 -14.12 -6.14 -2.75
N VAL A 37 -14.45 -4.86 -2.70
CA VAL A 37 -14.22 -4.04 -1.48
C VAL A 37 -12.81 -4.26 -0.89
N LYS A 38 -12.62 -5.19 0.02
CA LYS A 38 -11.27 -5.43 0.61
C LYS A 38 -10.44 -6.29 -0.34
N ARG A 39 -9.37 -5.76 -0.86
CA ARG A 39 -8.50 -6.53 -1.80
C ARG A 39 -7.72 -7.61 -1.05
N GLY A 40 -7.24 -7.31 0.12
CA GLY A 40 -6.45 -8.30 0.89
C GLY A 40 -5.02 -7.79 1.00
N ILE A 41 -4.51 -7.23 -0.05
CA ILE A 41 -3.11 -6.68 -0.02
C ILE A 41 -3.07 -5.49 0.93
N VAL A 42 -4.09 -4.67 0.89
CA VAL A 42 -4.14 -3.49 1.81
C VAL A 42 -4.16 -3.98 3.27
N GLU A 43 -4.83 -5.08 3.51
CA GLU A 43 -4.88 -5.64 4.90
C GLU A 43 -3.50 -6.15 5.32
N GLN A 44 -2.58 -6.30 4.39
CA GLN A 44 -1.22 -6.81 4.74
C GLN A 44 -0.53 -5.87 5.75
N CYS A 45 -0.58 -4.58 5.54
CA CYS A 45 0.07 -3.63 6.49
C CYS A 45 -0.87 -3.34 7.68
N CYS A 46 -2.14 -3.63 7.55
CA CYS A 46 -3.09 -3.36 8.67
C CYS A 46 -2.69 -4.14 9.93
N THR A 47 -2.46 -5.42 9.79
CA THR A 47 -2.07 -6.25 10.98
C THR A 47 -0.60 -6.02 11.36
N SER A 48 0.27 -5.91 10.39
CA SER A 48 1.72 -5.70 10.69
C SER A 48 2.24 -4.44 9.97
N ILE A 49 3.28 -3.84 10.48
CA ILE A 49 3.83 -2.61 9.84
C ILE A 49 4.75 -3.00 8.68
N CYS A 50 4.46 -2.51 7.50
CA CYS A 50 5.31 -2.84 6.31
C CYS A 50 6.55 -1.95 6.29
N SER A 51 7.66 -2.45 5.80
CA SER A 51 8.92 -1.65 5.77
C SER A 51 8.97 -0.72 4.55
N LEU A 52 9.74 0.33 4.64
CA LEU A 52 9.87 1.29 3.51
C LEU A 52 10.41 0.58 2.26
N TYR A 53 11.35 -0.32 2.43
CA TYR A 53 11.94 -1.03 1.26
C TYR A 53 10.83 -1.71 0.45
N GLN A 54 9.85 -2.27 1.11
CA GLN A 54 8.73 -2.92 0.37
C GLN A 54 7.91 -1.85 -0.35
N LEU A 55 7.68 -0.72 0.29
CA LEU A 55 6.90 0.37 -0.37
C LEU A 55 7.64 0.84 -1.62
N GLU A 56 8.94 0.96 -1.54
CA GLU A 56 9.75 1.39 -2.71
C GLU A 56 9.58 0.41 -3.86
N ASN A 57 9.54 -0.87 -3.57
CA ASN A 57 9.37 -1.90 -4.64
C ASN A 57 8.03 -1.71 -5.36
N TYR A 58 6.99 -1.43 -4.64
CA TYR A 58 5.65 -1.26 -5.27
C TYR A 58 5.62 0.02 -6.13
N CYS A 59 6.35 1.03 -5.74
CA CYS A 59 6.36 2.29 -6.52
C CYS A 59 7.47 2.27 -7.59
N ASN A 60 8.21 1.18 -7.68
CA ASN A 60 9.30 1.12 -8.71
C ASN A 60 8.69 1.08 -10.12
N PHE A 1 9.96 11.04 16.15
CA PHE A 1 9.44 9.64 16.25
C PHE A 1 7.99 9.58 15.76
N VAL A 2 7.69 8.66 14.88
CA VAL A 2 6.31 8.55 14.35
C VAL A 2 5.82 7.10 14.44
N ASN A 3 4.53 6.92 14.40
CA ASN A 3 3.94 5.56 14.47
C ASN A 3 2.54 5.59 13.88
N GLN A 4 2.42 5.29 12.61
CA GLN A 4 1.07 5.31 11.95
C GLN A 4 1.01 4.27 10.84
N HIS A 5 -0.17 3.86 10.49
CA HIS A 5 -0.34 2.85 9.40
C HIS A 5 -0.26 3.51 8.02
N LEU A 6 0.09 2.75 7.02
CA LEU A 6 0.18 3.31 5.64
C LEU A 6 -1.08 2.93 4.82
N CYS A 7 -2.13 2.55 5.50
CA CYS A 7 -3.39 2.17 4.78
C CYS A 7 -4.42 3.31 4.86
N GLY A 8 -5.67 3.01 4.61
CA GLY A 8 -6.76 4.03 4.74
C GLY A 8 -6.40 5.28 3.91
N SER A 9 -6.86 6.43 4.30
CA SER A 9 -6.54 7.67 3.52
C SER A 9 -5.05 8.03 3.67
N HIS A 10 -4.44 7.61 4.75
CA HIS A 10 -2.99 7.90 4.96
C HIS A 10 -2.18 7.21 3.87
N LEU A 11 -2.68 6.12 3.33
CA LEU A 11 -1.95 5.39 2.25
C LEU A 11 -1.73 6.31 1.04
N VAL A 12 -2.78 6.95 0.58
CA VAL A 12 -2.64 7.86 -0.60
C VAL A 12 -1.73 9.03 -0.23
N GLU A 13 -2.01 9.66 0.88
CA GLU A 13 -1.17 10.82 1.32
C GLU A 13 0.28 10.38 1.53
N ALA A 14 0.48 9.32 2.26
CA ALA A 14 1.86 8.83 2.53
C ALA A 14 2.61 8.42 1.26
N LEU A 15 1.99 7.63 0.42
CA LEU A 15 2.68 7.17 -0.83
C LEU A 15 3.10 8.35 -1.72
N TYR A 16 2.22 9.27 -1.97
CA TYR A 16 2.59 10.44 -2.85
C TYR A 16 3.70 11.28 -2.23
N LEU A 17 3.64 11.52 -0.93
CA LEU A 17 4.69 12.36 -0.29
C LEU A 17 6.04 11.62 -0.23
N VAL A 18 6.03 10.35 0.07
CA VAL A 18 7.31 9.58 0.15
C VAL A 18 7.86 9.27 -1.24
N CYS A 19 7.10 8.57 -2.05
CA CYS A 19 7.58 8.21 -3.42
C CYS A 19 7.60 9.44 -4.34
N GLY A 20 6.60 10.27 -4.25
CA GLY A 20 6.56 11.49 -5.11
C GLY A 20 6.07 11.10 -6.52
N GLU A 21 5.59 9.90 -6.72
CA GLU A 21 5.10 9.49 -8.08
C GLU A 21 3.58 9.64 -8.18
N ARG A 22 3.12 10.46 -9.09
CA ARG A 22 1.65 10.66 -9.25
C ARG A 22 1.02 9.54 -10.08
N GLY A 23 1.81 8.76 -10.79
CA GLY A 23 1.24 7.68 -11.64
C GLY A 23 1.64 6.30 -11.11
N PHE A 24 0.98 5.83 -10.07
CA PHE A 24 1.29 4.48 -9.53
C PHE A 24 0.61 3.41 -10.37
N PHE A 25 1.32 2.36 -10.73
CA PHE A 25 0.71 1.28 -11.55
C PHE A 25 -0.19 0.44 -10.64
N TYR A 26 0.38 -0.14 -9.61
CA TYR A 26 -0.40 -0.97 -8.64
C TYR A 26 -1.40 -1.90 -9.33
N THR A 27 -1.00 -2.52 -10.42
CA THR A 27 -1.93 -3.45 -11.13
C THR A 27 -2.07 -4.74 -10.30
N PRO A 28 -3.25 -4.98 -9.77
CA PRO A 28 -3.47 -6.18 -8.93
C PRO A 28 -3.95 -7.35 -9.77
N LYS A 29 -4.31 -8.43 -9.13
CA LYS A 29 -4.79 -9.63 -9.86
C LYS A 29 -6.17 -9.36 -10.46
N THR A 30 -6.96 -8.53 -9.81
CA THR A 30 -8.34 -8.19 -10.33
C THR A 30 -9.16 -9.46 -10.53
N ARG A 31 -9.44 -10.18 -9.46
CA ARG A 31 -10.24 -11.43 -9.57
C ARG A 31 -11.01 -11.67 -8.26
N ARG A 32 -12.16 -12.30 -8.34
CA ARG A 32 -12.99 -12.57 -7.13
C ARG A 32 -12.53 -13.85 -6.39
N TYR A 33 -11.68 -14.64 -7.01
CA TYR A 33 -11.23 -15.90 -6.35
C TYR A 33 -10.18 -15.62 -5.26
N PRO A 34 -9.15 -14.85 -5.57
CA PRO A 34 -8.11 -14.55 -4.56
C PRO A 34 -8.67 -13.62 -3.48
N GLY A 35 -9.65 -12.83 -3.82
CA GLY A 35 -10.25 -11.90 -2.80
C GLY A 35 -10.84 -10.68 -3.51
N ASP A 36 -12.14 -10.62 -3.58
CA ASP A 36 -12.79 -9.45 -4.26
C ASP A 36 -12.77 -8.23 -3.32
N VAL A 37 -12.85 -7.04 -3.89
CA VAL A 37 -12.84 -5.78 -3.07
C VAL A 37 -11.86 -5.84 -1.90
N LYS A 38 -10.77 -6.53 -2.06
CA LYS A 38 -9.77 -6.65 -0.95
C LYS A 38 -8.37 -6.83 -1.54
N ARG A 39 -7.50 -5.88 -1.30
CA ARG A 39 -6.11 -5.98 -1.83
C ARG A 39 -5.34 -7.05 -1.07
N GLY A 40 -5.53 -7.11 0.23
CA GLY A 40 -4.80 -8.11 1.06
C GLY A 40 -3.47 -7.51 1.51
N ILE A 41 -2.73 -6.94 0.58
CA ILE A 41 -1.42 -6.31 0.94
C ILE A 41 -1.64 -5.09 1.84
N VAL A 42 -2.65 -4.32 1.56
CA VAL A 42 -2.92 -3.10 2.38
C VAL A 42 -3.31 -3.48 3.80
N GLU A 43 -4.14 -4.49 3.96
CA GLU A 43 -4.57 -4.90 5.34
C GLU A 43 -3.34 -5.35 6.16
N GLN A 44 -2.41 -6.03 5.54
CA GLN A 44 -1.20 -6.50 6.28
C GLN A 44 -0.45 -5.29 6.86
N CYS A 45 -0.35 -4.22 6.09
CA CYS A 45 0.35 -3.01 6.61
C CYS A 45 -0.60 -2.26 7.55
N CYS A 46 -1.88 -2.33 7.29
CA CYS A 46 -2.87 -1.63 8.17
C CYS A 46 -2.95 -2.32 9.54
N THR A 47 -3.00 -3.62 9.56
CA THR A 47 -3.06 -4.35 10.87
C THR A 47 -1.70 -4.28 11.56
N SER A 48 -0.65 -4.45 10.81
CA SER A 48 0.73 -4.37 11.38
C SER A 48 1.58 -3.45 10.52
N ILE A 49 2.51 -2.74 11.10
CA ILE A 49 3.36 -1.82 10.27
C ILE A 49 4.25 -2.62 9.33
N CYS A 50 4.22 -2.32 8.07
CA CYS A 50 5.07 -3.06 7.09
C CYS A 50 6.51 -2.55 7.18
N SER A 51 7.46 -3.35 6.76
CA SER A 51 8.89 -2.93 6.85
C SER A 51 9.28 -1.96 5.73
N LEU A 52 10.35 -1.25 5.92
CA LEU A 52 10.84 -0.27 4.90
C LEU A 52 11.10 -0.98 3.57
N TYR A 53 11.65 -2.17 3.63
CA TYR A 53 11.97 -2.93 2.38
C TYR A 53 10.71 -3.11 1.53
N GLN A 54 9.59 -3.36 2.16
CA GLN A 54 8.33 -3.53 1.39
C GLN A 54 7.94 -2.20 0.76
N LEU A 55 8.11 -1.10 1.48
CA LEU A 55 7.77 0.24 0.91
C LEU A 55 8.62 0.49 -0.34
N GLU A 56 9.86 0.10 -0.28
CA GLU A 56 10.78 0.30 -1.45
C GLU A 56 10.22 -0.45 -2.67
N ASN A 57 9.70 -1.64 -2.45
CA ASN A 57 9.13 -2.43 -3.59
C ASN A 57 7.99 -1.65 -4.24
N TYR A 58 7.07 -1.17 -3.45
CA TYR A 58 5.90 -0.39 -4.00
C TYR A 58 6.40 0.85 -4.73
N CYS A 59 7.53 1.38 -4.33
CA CYS A 59 8.06 2.61 -5.00
C CYS A 59 8.92 2.24 -6.21
N ASN A 60 8.36 1.50 -7.13
CA ASN A 60 9.13 1.11 -8.35
C ASN A 60 9.32 2.32 -9.26
#